data_9JZQ
#
_entry.id   9JZQ
#
_cell.length_a   1.00
_cell.length_b   1.00
_cell.length_c   1.00
_cell.angle_alpha   90.00
_cell.angle_beta   90.00
_cell.angle_gamma   90.00
#
_symmetry.space_group_name_H-M   'P 1'
#
loop_
_entity.id
_entity.type
_entity.pdbx_description
1 polymer 'Envelope glycoprotein E'
2 polymer 'WLL-1 Fab heavy chain'
3 polymer 'WLL-1 Fab light chain'
4 polymer 'WLL-28 Fab heavy chain'
5 polymer 'WLL-28 Fab light chain'
#
loop_
_entity_poly.entity_id
_entity_poly.type
_entity_poly.pdbx_seq_one_letter_code
_entity_poly.pdbx_strand_id
1 'polypeptide(L)'
;MGTVNKPVVGVLMGFGIITGTLRITNPVRASVLRYDDFHIDEDKLDTNSVYEPYYHSDHAESSWVNRGESSRKAYDHNSP
YIWPRNDYDGFLENAHEHHGVYNQGRGIDSGERLMQPTQMSAQEDLGDDTGIHVIPTLNGDDRHKIVNVDQRQYGDVFKG
DLNPKPQGQRLIEVSVEENHPFTLRAPIQRIYGVRYTETWSFLPSLTCTGDAAPAIQHICLKHTTCFQDVVVDVDCAENT
KEDQLAEISYRFQGKKEADQPWIVVNTSTLFDELELDPPEIEPGVLKVLRTEKQYLGVYIWNMRGSDGTSTYATFLVTWK
GDEKTRNPTPAVTPQPRGAEFHMWNYHSHVFSVGDTFSLAMHLQYKIHEAPFDLLLEWLYVPIDPTCQPMRLYSTCLYHP
NAPQCLSHMNSGCTFTSPHLAQRVASTVYQNCEHADNYTAYCLGISHMEPSFGLILHDGGTTLKFVDTPESLSGLYVFVV
YFNGHVEAVAYTVVSTVDHFVNAIEERGFPPTAGQPPATTKPKEITPVNPGTSPLLRGSGSDYKDDDDKAAAHHHHHHHH
;
E
2 'polypeptide(L)'
;QITLKESGPTLVKPTQTLTLTCTFSGFSLTNTEMTVGWIRRPPGKALEWLALIYWDDDKRYSPSLRSRLTITKDTSKNQV
VLKMTNMDPVDTATYYCARLSLRLLTFDYWGQGTLVTVSSASTKGPSVFPLAPSSKSTSGGTAALGCLVKDYFPEPVTVS
WNSGALTSGVHTFPAVLQSSGLYSLSSVVTVPSSSLGTQTYICNVNHKPSNTKVDKKVEPKSCD
;
A
3 'polypeptide(L)'
;SYVVTQPPSVSVAPRQTARITCGGSNIGSKSVHWHQQKPGQAPVLVVYDDSDRPSGIPERFSGSNSGNTATLTITRVEAG
DEADYYCQVWDSSGDHPLFGGGTKLTVLGQPKANPTVTLFPPSSEELQANKATLVCLISDFYPGAVTVAWKADGSPVKAG
VETTKPSKQSNNKYAASSYLSLTPEQWKSHRSYSCQVTHEGSTVEKTVAPTECS
;
B
4 'polypeptide(L)'
;EVQLVQSGAEVKKPGEPLKISCKASGYNFANFWVGWVRQMPGRGLEWMGVIFPADSDTRYSPSFQGQVIISADKSTNTAY
LQWSSLKASDSAMYYCARHVRGSLWGGGGYWGQGTLVTVSSASTKGPSVFPLAPSSKSTSGGTAALGCLVKDYFPEPVTV
SWNSGALTSGVHTFPAVLQSSGLYSLSSVVTVPSSSLGTQTYICNVNHKPSNTKVDKKVEPKSCD
;
C
5 'polypeptide(L)'
;EIVMTQSPSTLSVSPGEGATLSCRASQSVNNDLAWYQQKPGQAPRLLINGASTRATGIPARFTGSGSGTEFTLTISSLQP
EDFAVYFCQQYNDWPRTFGQGTKVEIKRTVAAPSVFIFPPSDEQLKSGTASVVCLLNNFYPREAKVQWKVDNALQSGNSQ
ESVTEQDSKDSTYSLSSTLTLSKADYEKHKVYACEVTHQGLSSPVTKSFNRGEC
;
D
#
# COMPACT_ATOMS: atom_id res chain seq x y z
N ARG A 170 -12.86 -37.83 9.64
CA ARG A 170 -12.57 -37.30 8.31
C ARG A 170 -11.69 -36.05 8.41
N LEU A 171 -10.44 -36.17 7.97
CA LEU A 171 -9.50 -35.07 7.99
C LEU A 171 -8.66 -35.09 6.73
N ILE A 172 -8.15 -33.92 6.36
CA ILE A 172 -7.40 -33.74 5.12
C ILE A 172 -5.92 -33.95 5.40
N GLU A 173 -5.22 -34.57 4.45
CA GLU A 173 -3.79 -34.80 4.54
C GLU A 173 -3.08 -33.93 3.51
N VAL A 174 -2.14 -33.11 3.97
CA VAL A 174 -1.40 -32.18 3.13
C VAL A 174 0.09 -32.36 3.38
N SER A 175 0.89 -32.29 2.32
CA SER A 175 2.33 -32.43 2.39
C SER A 175 2.97 -31.14 1.90
N VAL A 176 3.97 -30.65 2.65
CA VAL A 176 4.67 -29.42 2.32
C VAL A 176 6.17 -29.67 2.38
N GLU A 177 6.91 -28.76 1.76
CA GLU A 177 8.37 -28.81 1.73
C GLU A 177 8.93 -27.47 2.17
N GLU A 178 10.12 -27.49 2.75
CA GLU A 178 10.74 -26.27 3.23
C GLU A 178 11.05 -25.33 2.06
N ASN A 179 10.96 -24.04 2.34
CA ASN A 179 11.16 -22.99 1.34
C ASN A 179 10.22 -23.16 0.14
N HIS A 180 9.03 -23.68 0.38
CA HIS A 180 8.00 -23.80 -0.65
C HIS A 180 6.68 -23.37 -0.04
N PRO A 181 5.95 -22.45 -0.67
CA PRO A 181 4.72 -21.93 -0.06
C PRO A 181 3.61 -22.97 -0.06
N PHE A 182 2.58 -22.70 0.74
CA PHE A 182 1.45 -23.60 0.77
C PHE A 182 0.19 -22.85 1.19
N THR A 183 -0.96 -23.45 0.90
CA THR A 183 -2.26 -22.83 1.10
C THR A 183 -3.29 -23.88 1.48
N LEU A 184 -4.18 -23.50 2.39
CA LEU A 184 -5.29 -24.34 2.83
C LEU A 184 -6.60 -23.66 2.49
N ARG A 185 -7.49 -24.38 1.81
CA ARG A 185 -8.80 -23.89 1.41
C ARG A 185 -9.86 -24.85 1.94
N ALA A 186 -10.95 -24.28 2.43
CA ALA A 186 -11.97 -25.11 3.07
C ALA A 186 -13.26 -25.08 2.27
N PRO A 187 -13.93 -26.22 2.14
CA PRO A 187 -15.22 -26.25 1.44
C PRO A 187 -16.23 -25.32 2.10
N ILE A 188 -16.87 -24.48 1.28
CA ILE A 188 -17.79 -23.46 1.77
C ILE A 188 -19.08 -23.54 0.96
N GLN A 189 -20.21 -23.51 1.67
CA GLN A 189 -21.54 -23.48 1.05
C GLN A 189 -22.28 -22.29 1.63
N ARG A 190 -22.11 -21.13 1.00
CA ARG A 190 -22.64 -19.88 1.52
C ARG A 190 -23.95 -19.52 0.84
N ILE A 191 -24.80 -18.80 1.57
CA ILE A 191 -26.09 -18.32 1.08
C ILE A 191 -26.12 -16.82 1.27
N TYR A 192 -26.52 -16.08 0.22
CA TYR A 192 -26.49 -14.63 0.26
C TYR A 192 -27.45 -14.10 1.33
N GLY A 193 -27.06 -13.01 1.97
CA GLY A 193 -27.91 -12.28 2.87
C GLY A 193 -27.82 -12.67 4.34
N VAL A 194 -27.05 -13.70 4.68
CA VAL A 194 -26.91 -14.15 6.05
C VAL A 194 -25.58 -13.64 6.59
N ARG A 195 -25.64 -12.94 7.73
CA ARG A 195 -24.42 -12.46 8.37
C ARG A 195 -23.58 -13.66 8.83
N TYR A 196 -22.30 -13.65 8.48
CA TYR A 196 -21.46 -14.85 8.62
C TYR A 196 -20.18 -14.52 9.38
N THR A 197 -19.75 -15.47 10.21
CA THR A 197 -18.52 -15.39 10.97
C THR A 197 -17.64 -16.60 10.69
N GLU A 198 -16.34 -16.36 10.62
CA GLU A 198 -15.34 -17.38 10.31
C GLU A 198 -14.24 -17.32 11.36
N THR A 199 -13.76 -18.50 11.80
CA THR A 199 -12.75 -18.57 12.84
C THR A 199 -11.67 -19.56 12.46
N TRP A 200 -10.41 -19.18 12.71
CA TRP A 200 -9.26 -20.06 12.48
C TRP A 200 -8.52 -20.30 13.79
N SER A 201 -7.96 -21.50 13.93
CA SER A 201 -7.27 -21.88 15.16
C SER A 201 -5.92 -22.53 14.87
N PHE A 202 -5.27 -23.06 15.90
CA PHE A 202 -3.97 -23.71 15.74
C PHE A 202 -3.81 -24.79 16.80
N LEU A 203 -2.93 -25.74 16.50
CA LEU A 203 -2.56 -26.82 17.40
C LEU A 203 -1.17 -27.31 17.02
N PRO A 204 -0.12 -26.79 17.64
CA PRO A 204 1.23 -27.03 17.16
C PRO A 204 1.78 -28.39 17.60
N SER A 205 2.90 -28.76 16.97
CA SER A 205 3.62 -29.99 17.29
C SER A 205 5.11 -29.71 17.33
N LEU A 206 5.49 -28.52 17.80
CA LEU A 206 6.90 -28.16 17.87
C LEU A 206 7.65 -29.07 18.83
N THR A 207 7.06 -29.35 19.99
CA THR A 207 7.65 -30.25 20.97
C THR A 207 7.19 -31.69 20.80
N CYS A 208 6.35 -31.97 19.81
CA CYS A 208 5.83 -33.31 19.56
C CYS A 208 6.44 -33.80 18.24
N THR A 209 7.53 -34.54 18.34
CA THR A 209 8.24 -35.07 17.19
C THR A 209 8.26 -36.60 17.24
N GLY A 210 8.34 -37.21 16.07
CA GLY A 210 8.37 -38.66 15.99
C GLY A 210 7.02 -39.30 16.21
N ASP A 211 6.99 -40.42 16.93
CA ASP A 211 5.73 -41.10 17.22
C ASP A 211 4.82 -40.29 18.13
N ALA A 212 5.38 -39.39 18.94
CA ALA A 212 4.57 -38.55 19.80
C ALA A 212 3.78 -37.50 19.01
N ALA A 213 4.16 -37.24 17.76
CA ALA A 213 3.44 -36.29 16.95
C ALA A 213 2.06 -36.85 16.58
N PRO A 214 1.07 -35.98 16.41
CA PRO A 214 -0.26 -36.46 16.00
C PRO A 214 -0.21 -37.16 14.65
N ALA A 215 -1.01 -38.21 14.50
CA ALA A 215 -0.99 -39.03 13.29
C ALA A 215 -2.41 -39.40 12.88
N ILE A 216 -2.58 -39.62 11.58
CA ILE A 216 -3.88 -39.99 11.04
C ILE A 216 -4.08 -41.48 11.20
N GLN A 217 -5.20 -41.87 11.80
CA GLN A 217 -5.56 -43.28 11.98
C GLN A 217 -7.01 -43.48 11.60
N HIS A 218 -7.30 -44.66 11.06
CA HIS A 218 -8.67 -45.03 10.67
C HIS A 218 -9.38 -45.58 11.91
N ILE A 219 -10.02 -44.68 12.65
CA ILE A 219 -10.74 -45.08 13.85
C ILE A 219 -12.08 -45.69 13.43
N CYS A 220 -12.34 -46.92 13.90
CA CYS A 220 -13.53 -47.65 13.56
C CYS A 220 -14.41 -47.80 14.78
N LEU A 221 -15.71 -47.61 14.60
CA LEU A 221 -16.68 -47.83 15.66
C LEU A 221 -16.90 -49.33 15.85
N LYS A 222 -17.87 -49.69 16.68
CA LYS A 222 -18.09 -51.10 16.99
C LYS A 222 -18.53 -51.88 15.75
N HIS A 223 -19.55 -51.38 15.04
CA HIS A 223 -20.11 -52.15 13.93
C HIS A 223 -20.28 -51.33 12.65
N THR A 224 -20.51 -50.02 12.77
CA THR A 224 -21.01 -49.23 11.66
C THR A 224 -19.99 -48.24 11.12
N THR A 225 -19.46 -47.35 11.95
CA THR A 225 -18.73 -46.18 11.47
C THR A 225 -17.23 -46.42 11.47
N CYS A 226 -16.58 -46.02 10.38
CA CYS A 226 -15.13 -46.04 10.26
C CYS A 226 -14.69 -44.78 9.55
N PHE A 227 -13.93 -43.92 10.25
CA PHE A 227 -13.53 -42.63 9.70
C PHE A 227 -12.11 -42.31 10.11
N GLN A 228 -11.46 -41.45 9.33
CA GLN A 228 -10.11 -41.02 9.63
C GLN A 228 -10.12 -39.93 10.68
N ASP A 229 -9.19 -40.01 11.64
CA ASP A 229 -9.08 -39.01 12.68
C ASP A 229 -7.62 -38.88 13.10
N VAL A 230 -7.26 -37.69 13.57
CA VAL A 230 -5.90 -37.42 14.02
C VAL A 230 -5.81 -37.66 15.52
N VAL A 231 -4.87 -38.51 15.91
CA VAL A 231 -4.63 -38.84 17.32
C VAL A 231 -3.41 -38.07 17.78
N VAL A 232 -3.53 -37.43 18.96
CA VAL A 232 -2.47 -36.65 19.57
C VAL A 232 -2.05 -37.33 20.86
N ASP A 233 -0.74 -37.34 21.12
CA ASP A 233 -0.23 -37.95 22.34
C ASP A 233 -0.75 -37.22 23.57
N VAL A 234 -0.90 -37.98 24.66
CA VAL A 234 -1.45 -37.41 25.89
C VAL A 234 -0.53 -36.31 26.42
N ASP A 235 0.77 -36.58 26.45
CA ASP A 235 1.73 -35.55 26.87
C ASP A 235 1.73 -34.37 25.91
N CYS A 236 1.66 -34.64 24.61
CA CYS A 236 1.62 -33.56 23.62
C CYS A 236 0.35 -32.73 23.79
N ALA A 237 -0.79 -33.39 24.03
CA ALA A 237 -2.03 -32.66 24.25
C ALA A 237 -1.97 -31.82 25.52
N GLU A 238 -1.38 -32.37 26.59
CA GLU A 238 -1.24 -31.61 27.83
C GLU A 238 -0.28 -30.43 27.66
N ASN A 239 0.68 -30.55 26.75
CA ASN A 239 1.61 -29.46 26.47
C ASN A 239 1.10 -28.52 25.38
N THR A 240 -0.11 -28.73 24.89
CA THR A 240 -0.69 -27.92 23.83
C THR A 240 -1.91 -27.18 24.35
N LYS A 241 -2.01 -25.90 23.98
CA LYS A 241 -3.12 -25.05 24.38
C LYS A 241 -3.85 -24.54 23.15
N GLU A 242 -5.19 -24.55 23.21
CA GLU A 242 -5.99 -24.06 22.11
C GLU A 242 -5.82 -22.55 21.97
N ASP A 243 -5.68 -22.08 20.73
CA ASP A 243 -5.42 -20.68 20.46
C ASP A 243 -6.24 -20.24 19.26
N GLN A 244 -6.47 -18.93 19.19
CA GLN A 244 -7.21 -18.31 18.09
C GLN A 244 -6.24 -17.57 17.19
N LEU A 245 -6.30 -17.86 15.89
CA LEU A 245 -5.44 -17.20 14.92
C LEU A 245 -6.08 -15.94 14.36
N ALA A 246 -7.29 -16.04 13.81
CA ALA A 246 -7.97 -14.87 13.30
C ALA A 246 -9.47 -15.13 13.23
N GLU A 247 -10.23 -14.04 13.20
CA GLU A 247 -11.68 -14.07 13.08
C GLU A 247 -12.12 -13.08 12.02
N ILE A 248 -13.07 -13.50 11.18
CA ILE A 248 -13.59 -12.68 10.09
C ILE A 248 -15.10 -12.59 10.23
N SER A 249 -15.66 -11.42 9.95
CA SER A 249 -17.10 -11.23 9.94
C SER A 249 -17.49 -10.47 8.68
N TYR A 250 -18.51 -10.95 7.98
CA TYR A 250 -18.98 -10.26 6.79
C TYR A 250 -20.42 -10.66 6.50
N ARG A 251 -20.90 -10.27 5.32
CA ARG A 251 -22.16 -10.75 4.78
C ARG A 251 -21.95 -11.09 3.31
N PHE A 252 -22.47 -12.24 2.89
CA PHE A 252 -22.25 -12.70 1.52
C PHE A 252 -23.02 -11.81 0.54
N GLN A 253 -22.32 -11.23 -0.42
CA GLN A 253 -22.95 -10.39 -1.43
C GLN A 253 -22.01 -10.23 -2.61
N GLY A 254 -22.60 -10.10 -3.79
CA GLY A 254 -21.84 -9.86 -5.00
C GLY A 254 -21.19 -11.12 -5.55
N LYS A 255 -20.63 -10.98 -6.75
CA LYS A 255 -19.88 -12.04 -7.40
C LYS A 255 -18.38 -11.80 -7.41
N LYS A 256 -17.95 -10.55 -7.50
CA LYS A 256 -16.54 -10.20 -7.50
C LYS A 256 -16.02 -10.20 -6.05
N GLU A 257 -14.80 -9.70 -5.86
CA GLU A 257 -14.21 -9.60 -4.53
C GLU A 257 -13.97 -8.17 -4.09
N ALA A 258 -13.84 -7.22 -5.01
CA ALA A 258 -13.70 -5.82 -4.64
C ALA A 258 -14.99 -5.22 -4.10
N ASP A 259 -16.10 -5.94 -4.22
CA ASP A 259 -17.39 -5.49 -3.71
C ASP A 259 -17.77 -6.20 -2.41
N GLN A 260 -16.83 -6.88 -1.77
CA GLN A 260 -17.10 -7.63 -0.55
C GLN A 260 -16.25 -7.11 0.60
N PRO A 261 -16.81 -6.35 1.54
CA PRO A 261 -16.04 -5.90 2.69
C PRO A 261 -16.16 -6.85 3.87
N TRP A 262 -15.05 -7.04 4.57
CA TRP A 262 -15.01 -7.91 5.74
C TRP A 262 -14.29 -7.21 6.87
N ILE A 263 -14.64 -7.56 8.10
CA ILE A 263 -14.02 -7.02 9.30
C ILE A 263 -13.22 -8.14 9.96
N VAL A 264 -11.94 -7.87 10.22
CA VAL A 264 -11.01 -8.86 10.74
C VAL A 264 -10.61 -8.49 12.17
N VAL A 265 -10.58 -9.49 13.04
CA VAL A 265 -10.06 -9.35 14.39
C VAL A 265 -8.94 -10.37 14.58
N ASN A 266 -7.77 -9.88 14.99
CA ASN A 266 -6.58 -10.70 15.16
C ASN A 266 -6.07 -10.53 16.58
N THR A 267 -6.27 -11.56 17.40
CA THR A 267 -5.76 -11.60 18.76
C THR A 267 -4.68 -12.66 18.94
N SER A 268 -4.14 -13.18 17.84
CA SER A 268 -3.16 -14.26 17.88
C SER A 268 -1.81 -13.70 18.32
N THR A 269 -1.43 -13.96 19.56
CA THR A 269 -0.13 -13.60 20.08
C THR A 269 0.88 -14.73 20.00
N LEU A 270 0.48 -15.88 19.44
CA LEU A 270 1.39 -17.02 19.39
C LEU A 270 2.58 -16.75 18.49
N PHE A 271 2.35 -16.15 17.32
CA PHE A 271 3.43 -15.88 16.38
C PHE A 271 4.17 -14.59 16.66
N ASP A 272 3.69 -13.77 17.60
CA ASP A 272 4.39 -12.53 17.93
C ASP A 272 5.64 -12.80 18.75
N GLU A 273 5.57 -13.73 19.71
CA GLU A 273 6.74 -14.03 20.53
C GLU A 273 7.78 -14.82 19.75
N LEU A 274 7.36 -15.64 18.79
CA LEU A 274 8.31 -16.39 17.97
C LEU A 274 9.00 -15.53 16.92
N GLU A 275 8.58 -14.27 16.77
CA GLU A 275 9.17 -13.35 15.80
C GLU A 275 9.11 -13.92 14.38
N LEU A 276 7.95 -14.45 14.03
CA LEU A 276 7.70 -15.01 12.71
C LEU A 276 6.62 -14.21 12.01
N ASP A 277 6.24 -14.65 10.82
CA ASP A 277 5.23 -13.97 10.01
C ASP A 277 3.88 -14.62 10.22
N PRO A 278 2.87 -13.90 10.68
CA PRO A 278 1.54 -14.49 10.80
C PRO A 278 1.00 -14.85 9.43
N PRO A 279 0.18 -15.89 9.35
CA PRO A 279 -0.31 -16.35 8.04
C PRO A 279 -1.26 -15.35 7.42
N GLU A 280 -1.34 -15.40 6.09
CA GLU A 280 -2.23 -14.52 5.33
C GLU A 280 -3.60 -15.19 5.23
N ILE A 281 -4.61 -14.57 5.85
CA ILE A 281 -5.94 -15.15 5.92
C ILE A 281 -6.90 -14.30 5.10
N GLU A 282 -7.63 -14.94 4.20
CA GLU A 282 -8.69 -14.36 3.41
C GLU A 282 -9.88 -15.31 3.48
N PRO A 283 -11.10 -14.85 3.16
CA PRO A 283 -12.26 -15.74 3.26
C PRO A 283 -12.07 -17.08 2.57
N GLY A 284 -12.01 -18.15 3.37
CA GLY A 284 -11.87 -19.50 2.85
C GLY A 284 -10.47 -19.93 2.47
N VAL A 285 -9.44 -19.13 2.79
CA VAL A 285 -8.08 -19.43 2.36
C VAL A 285 -7.10 -18.95 3.43
N LEU A 286 -6.12 -19.79 3.75
CA LEU A 286 -4.98 -19.42 4.57
C LEU A 286 -3.70 -19.77 3.83
N LYS A 287 -2.82 -18.79 3.66
CA LYS A 287 -1.63 -18.95 2.83
C LYS A 287 -0.39 -18.58 3.62
N VAL A 288 0.67 -19.38 3.44
CA VAL A 288 1.99 -19.11 4.02
C VAL A 288 3.02 -19.18 2.91
N LEU A 289 3.91 -18.18 2.88
CA LEU A 289 4.85 -17.97 1.78
C LEU A 289 6.13 -18.80 1.92
N ARG A 290 6.79 -18.73 3.07
CA ARG A 290 8.04 -19.44 3.30
C ARG A 290 7.82 -20.41 4.45
N THR A 291 7.60 -21.68 4.12
CA THR A 291 7.34 -22.70 5.13
C THR A 291 8.61 -22.97 5.94
N GLU A 292 8.43 -23.07 7.26
CA GLU A 292 9.51 -23.39 8.18
C GLU A 292 9.10 -24.55 9.08
N LYS A 293 9.89 -24.85 10.10
CA LYS A 293 9.56 -25.94 11.00
C LYS A 293 8.71 -25.52 12.18
N GLN A 294 8.34 -24.24 12.27
CA GLN A 294 7.44 -23.76 13.31
C GLN A 294 6.00 -23.66 12.85
N TYR A 295 5.70 -24.06 11.61
CA TYR A 295 4.35 -24.01 11.07
C TYR A 295 3.64 -25.35 11.08
N LEU A 296 4.35 -26.44 11.34
CA LEU A 296 3.74 -27.76 11.30
C LEU A 296 2.78 -27.96 12.46
N GLY A 297 1.73 -28.72 12.21
CA GLY A 297 0.78 -29.03 13.25
C GLY A 297 -0.60 -29.31 12.66
N VAL A 298 -1.62 -28.81 13.35
CA VAL A 298 -3.01 -29.04 12.98
C VAL A 298 -3.76 -27.71 13.04
N TYR A 299 -4.66 -27.50 12.09
CA TYR A 299 -5.46 -26.29 12.00
C TYR A 299 -6.93 -26.63 12.08
N ILE A 300 -7.71 -25.79 12.76
CA ILE A 300 -9.14 -25.98 12.94
C ILE A 300 -9.86 -24.76 12.37
N TRP A 301 -10.86 -24.99 11.53
CA TRP A 301 -11.58 -23.92 10.85
C TRP A 301 -13.08 -24.08 11.12
N ASN A 302 -13.76 -22.98 11.42
CA ASN A 302 -15.16 -23.03 11.81
C ASN A 302 -15.88 -21.89 11.12
N MET A 303 -17.10 -22.18 10.64
CA MET A 303 -17.97 -21.16 10.06
C MET A 303 -19.32 -21.20 10.77
N ARG A 304 -19.83 -20.03 11.13
CA ARG A 304 -21.12 -19.89 11.77
C ARG A 304 -21.91 -18.77 11.11
N GLY A 305 -23.23 -18.80 11.28
CA GLY A 305 -24.09 -17.84 10.64
C GLY A 305 -25.21 -17.38 11.56
N SER A 306 -25.99 -16.42 11.06
CA SER A 306 -27.12 -15.88 11.79
C SER A 306 -28.38 -16.72 11.65
N ASP A 307 -28.34 -17.80 10.87
CA ASP A 307 -29.46 -18.71 10.73
C ASP A 307 -29.30 -19.98 11.55
N GLY A 308 -28.22 -20.10 12.32
CA GLY A 308 -28.00 -21.27 13.15
C GLY A 308 -27.17 -22.38 12.53
N THR A 309 -26.46 -22.09 11.44
CA THR A 309 -25.66 -23.10 10.76
C THR A 309 -24.22 -23.05 11.26
N SER A 310 -23.63 -24.23 11.44
CA SER A 310 -22.25 -24.35 11.89
C SER A 310 -21.55 -25.44 11.08
N THR A 311 -20.32 -25.16 10.66
CA THR A 311 -19.54 -26.10 9.88
C THR A 311 -18.11 -26.12 10.40
N TYR A 312 -17.53 -27.33 10.49
CA TYR A 312 -16.21 -27.54 11.05
C TYR A 312 -15.31 -28.24 10.04
N ALA A 313 -14.01 -27.94 10.11
CA ALA A 313 -13.02 -28.66 9.32
C ALA A 313 -11.68 -28.64 10.05
N THR A 314 -10.83 -29.63 9.74
CA THR A 314 -9.56 -29.80 10.43
C THR A 314 -8.50 -30.24 9.43
N PHE A 315 -7.46 -29.42 9.29
CA PHE A 315 -6.32 -29.70 8.43
C PHE A 315 -5.13 -30.17 9.25
N LEU A 316 -4.23 -30.91 8.60
CA LEU A 316 -3.02 -31.41 9.25
C LEU A 316 -1.84 -31.23 8.31
N VAL A 317 -0.84 -30.47 8.75
CA VAL A 317 0.36 -30.21 7.96
C VAL A 317 1.55 -30.79 8.71
N THR A 318 2.30 -31.68 8.06
CA THR A 318 3.49 -32.30 8.64
C THR A 318 4.59 -32.32 7.59
N TRP A 319 5.73 -32.91 7.97
CA TRP A 319 6.89 -32.92 7.10
C TRP A 319 6.67 -33.84 5.92
N LYS A 320 7.45 -33.61 4.86
CA LYS A 320 7.37 -34.40 3.64
C LYS A 320 8.15 -35.69 3.80
N GLY A 321 7.55 -36.80 3.36
CA GLY A 321 8.17 -38.11 3.44
C GLY A 321 7.71 -38.97 4.59
N ASP A 322 6.97 -38.40 5.56
CA ASP A 322 6.49 -39.17 6.69
C ASP A 322 5.24 -39.97 6.36
N GLU A 323 4.60 -39.72 5.22
CA GLU A 323 3.40 -40.47 4.86
C GLU A 323 3.72 -41.94 4.63
N LYS A 324 4.84 -42.23 3.95
CA LYS A 324 5.22 -43.62 3.70
C LYS A 324 5.53 -44.35 4.99
N THR A 325 6.22 -43.70 5.92
CA THR A 325 6.57 -44.31 7.19
C THR A 325 5.39 -44.30 8.16
N GLN B 1 -44.75 -12.36 -10.51
CA GLN B 1 -44.68 -10.95 -10.84
C GLN B 1 -44.52 -10.10 -9.58
N ILE B 2 -43.82 -8.98 -9.71
CA ILE B 2 -43.54 -8.08 -8.61
C ILE B 2 -44.27 -6.77 -8.87
N THR B 3 -45.01 -6.30 -7.87
CA THR B 3 -45.80 -5.07 -7.99
C THR B 3 -45.44 -4.13 -6.86
N LEU B 4 -45.17 -2.87 -7.19
CA LEU B 4 -44.85 -1.85 -6.20
C LEU B 4 -45.68 -0.60 -6.49
N LYS B 5 -46.23 -0.01 -5.43
CA LYS B 5 -47.06 1.19 -5.54
C LYS B 5 -46.65 2.18 -4.47
N GLU B 6 -46.92 3.46 -4.75
CA GLU B 6 -46.57 4.55 -3.85
C GLU B 6 -47.81 5.37 -3.53
N SER B 7 -47.84 5.93 -2.32
CA SER B 7 -48.97 6.74 -1.89
C SER B 7 -48.49 7.76 -0.86
N GLY B 8 -49.30 8.80 -0.69
CA GLY B 8 -49.00 9.86 0.26
C GLY B 8 -49.61 11.18 -0.16
N PRO B 9 -49.29 12.23 0.58
CA PRO B 9 -49.77 13.58 0.21
C PRO B 9 -48.96 14.13 -0.96
N THR B 10 -49.32 15.35 -1.36
CA THR B 10 -48.64 16.03 -2.46
C THR B 10 -48.19 17.44 -2.14
N LEU B 11 -48.87 18.15 -1.23
CA LEU B 11 -48.49 19.49 -0.84
C LEU B 11 -47.93 19.46 0.58
N VAL B 12 -46.77 20.09 0.76
CA VAL B 12 -46.13 20.21 2.07
C VAL B 12 -45.71 21.66 2.27
N LYS B 13 -46.08 22.23 3.41
CA LYS B 13 -45.73 23.59 3.77
C LYS B 13 -44.26 23.64 4.21
N PRO B 14 -43.63 24.81 4.15
CA PRO B 14 -42.18 24.88 4.45
C PRO B 14 -41.88 24.54 5.91
N THR B 15 -40.84 23.72 6.10
CA THR B 15 -40.32 23.31 7.40
C THR B 15 -41.28 22.43 8.19
N GLN B 16 -42.23 21.78 7.52
CA GLN B 16 -43.05 20.75 8.15
C GLN B 16 -42.49 19.36 7.86
N THR B 17 -43.26 18.34 8.21
CA THR B 17 -42.84 16.95 8.09
C THR B 17 -43.62 16.26 6.97
N LEU B 18 -42.95 15.34 6.28
CA LEU B 18 -43.49 14.64 5.14
C LEU B 18 -43.45 13.14 5.41
N THR B 19 -44.54 12.44 5.08
CA THR B 19 -44.61 11.00 5.21
C THR B 19 -45.07 10.39 3.90
N LEU B 20 -44.52 9.23 3.55
CA LEU B 20 -44.87 8.56 2.30
C LEU B 20 -44.86 7.05 2.52
N THR B 21 -45.64 6.34 1.70
CA THR B 21 -45.83 4.90 1.84
C THR B 21 -45.51 4.20 0.53
N CYS B 22 -44.74 3.12 0.61
CA CYS B 22 -44.46 2.25 -0.53
C CYS B 22 -44.93 0.84 -0.17
N THR B 23 -45.86 0.31 -0.97
CA THR B 23 -46.45 -1.00 -0.74
C THR B 23 -46.00 -1.95 -1.84
N PHE B 24 -45.80 -3.22 -1.47
CA PHE B 24 -45.24 -4.20 -2.40
C PHE B 24 -46.04 -5.50 -2.32
N SER B 25 -45.99 -6.24 -3.42
CA SER B 25 -46.61 -7.56 -3.50
C SER B 25 -45.84 -8.38 -4.52
N GLY B 26 -45.97 -9.70 -4.39
CA GLY B 26 -45.21 -10.63 -5.21
C GLY B 26 -44.03 -11.27 -4.50
N PHE B 27 -43.66 -10.78 -3.33
CA PHE B 27 -42.56 -11.36 -2.57
C PHE B 27 -42.76 -10.99 -1.10
N SER B 28 -41.97 -11.64 -0.25
CA SER B 28 -41.98 -11.38 1.19
C SER B 28 -40.58 -10.98 1.63
N LEU B 29 -40.50 -10.01 2.54
CA LEU B 29 -39.21 -9.57 3.05
C LEU B 29 -38.57 -10.60 3.97
N THR B 30 -39.29 -11.65 4.35
CA THR B 30 -38.68 -12.72 5.14
C THR B 30 -37.55 -13.39 4.36
N ASN B 31 -37.62 -13.39 3.04
CA ASN B 31 -36.52 -13.90 2.24
C ASN B 31 -35.28 -13.05 2.47
N THR B 32 -34.12 -13.71 2.48
CA THR B 32 -32.87 -13.07 2.88
C THR B 32 -32.07 -12.56 1.68
N GLU B 33 -32.75 -12.10 0.63
CA GLU B 33 -32.05 -11.56 -0.53
C GLU B 33 -32.69 -10.28 -1.06
N MET B 34 -33.69 -9.73 -0.37
CA MET B 34 -34.46 -8.60 -0.88
C MET B 34 -34.31 -7.40 0.05
N THR B 35 -34.10 -6.23 -0.54
CA THR B 35 -34.02 -4.97 0.20
C THR B 35 -34.89 -3.94 -0.49
N VAL B 36 -35.33 -2.93 0.26
CA VAL B 36 -36.25 -1.92 -0.24
C VAL B 36 -35.61 -0.55 -0.08
N GLY B 37 -35.63 0.25 -1.14
CA GLY B 37 -34.94 1.52 -1.13
C GLY B 37 -35.79 2.65 -1.66
N TRP B 38 -35.38 3.87 -1.31
CA TRP B 38 -36.05 5.10 -1.69
C TRP B 38 -35.06 6.08 -2.28
N ILE B 39 -35.48 6.74 -3.36
CA ILE B 39 -34.67 7.68 -4.12
C ILE B 39 -35.55 8.82 -4.61
N ARG B 40 -34.93 9.87 -5.16
CA ARG B 40 -35.67 11.06 -5.55
C ARG B 40 -35.04 11.68 -6.80
N ARG B 41 -35.82 12.52 -7.48
CA ARG B 41 -35.41 13.18 -8.71
C ARG B 41 -35.87 14.64 -8.74
N PRO B 42 -34.93 15.58 -8.78
CA PRO B 42 -35.30 17.00 -8.94
C PRO B 42 -35.61 17.32 -10.39
N PRO B 43 -35.93 18.58 -10.73
CA PRO B 43 -36.18 18.90 -12.13
C PRO B 43 -34.92 18.83 -12.98
N GLY B 44 -34.82 17.80 -13.83
CA GLY B 44 -33.70 17.66 -14.72
C GLY B 44 -32.36 17.45 -14.06
N LYS B 45 -32.34 16.88 -12.86
CA LYS B 45 -31.10 16.63 -12.13
C LYS B 45 -30.91 15.13 -11.95
N ALA B 46 -29.84 14.78 -11.24
CA ALA B 46 -29.43 13.39 -11.11
C ALA B 46 -30.34 12.62 -10.17
N LEU B 47 -30.53 11.34 -10.47
CA LEU B 47 -31.24 10.44 -9.56
C LEU B 47 -30.44 10.31 -8.27
N GLU B 48 -30.99 10.83 -7.18
CA GLU B 48 -30.28 10.88 -5.91
C GLU B 48 -30.74 9.77 -4.98
N TRP B 49 -29.78 9.13 -4.32
CA TRP B 49 -30.08 8.07 -3.38
C TRP B 49 -30.52 8.66 -2.04
N LEU B 50 -31.55 8.06 -1.44
CA LEU B 50 -32.06 8.51 -0.16
C LEU B 50 -31.86 7.48 0.95
N ALA B 51 -32.37 6.26 0.80
CA ALA B 51 -32.30 5.32 1.92
C ALA B 51 -32.49 3.89 1.45
N LEU B 52 -32.09 2.96 2.31
CA LEU B 52 -32.18 1.53 2.04
C LEU B 52 -32.44 0.76 3.33
N ILE B 53 -33.31 -0.26 3.24
CA ILE B 53 -33.67 -1.09 4.38
C ILE B 53 -33.52 -2.56 4.00
N TYR B 54 -32.98 -3.35 4.94
CA TYR B 54 -32.72 -4.78 4.80
C TYR B 54 -33.81 -5.59 5.51
N TRP B 55 -33.56 -6.90 5.62
CA TRP B 55 -34.49 -7.79 6.30
C TRP B 55 -34.32 -7.75 7.82
N ASP B 56 -33.12 -7.44 8.31
CA ASP B 56 -32.79 -7.52 9.73
C ASP B 56 -32.74 -6.14 10.39
N ASP B 57 -33.63 -5.24 9.98
CA ASP B 57 -33.76 -3.90 10.54
C ASP B 57 -32.53 -3.04 10.33
N ASP B 58 -31.58 -3.49 9.50
CA ASP B 58 -30.44 -2.65 9.17
C ASP B 58 -30.89 -1.45 8.34
N LYS B 59 -30.14 -0.37 8.46
CA LYS B 59 -30.45 0.87 7.76
C LYS B 59 -29.23 1.39 7.02
N ARG B 60 -29.45 1.91 5.82
CA ARG B 60 -28.40 2.58 5.05
C ARG B 60 -28.92 3.96 4.67
N TYR B 61 -28.21 5.00 5.10
CA TYR B 61 -28.67 6.37 4.97
C TYR B 61 -27.74 7.16 4.07
N SER B 62 -28.30 8.13 3.36
CA SER B 62 -27.53 8.94 2.44
C SER B 62 -26.53 9.82 3.21
N PRO B 63 -25.28 9.90 2.74
CA PRO B 63 -24.31 10.77 3.43
C PRO B 63 -24.72 12.23 3.48
N SER B 64 -25.37 12.74 2.44
CA SER B 64 -25.70 14.15 2.39
C SER B 64 -26.86 14.52 3.29
N LEU B 65 -27.84 13.63 3.45
CA LEU B 65 -29.06 13.91 4.19
C LEU B 65 -29.26 12.83 5.26
N ARG B 66 -28.20 12.59 6.05
CA ARG B 66 -28.24 11.51 7.03
C ARG B 66 -29.09 11.88 8.25
N SER B 67 -28.96 13.10 8.75
CA SER B 67 -29.54 13.46 10.03
C SER B 67 -31.06 13.62 10.00
N ARG B 68 -31.67 13.61 8.81
CA ARG B 68 -33.07 13.99 8.66
C ARG B 68 -33.84 12.95 7.86
N LEU B 69 -33.71 11.68 8.22
CA LEU B 69 -34.42 10.62 7.54
C LEU B 69 -34.88 9.56 8.54
N THR B 70 -35.97 8.87 8.20
CA THR B 70 -36.39 7.71 8.97
C THR B 70 -37.14 6.77 8.03
N ILE B 71 -36.82 5.48 8.11
CA ILE B 71 -37.45 4.48 7.25
C ILE B 71 -37.81 3.27 8.11
N THR B 72 -39.03 2.78 7.96
CA THR B 72 -39.53 1.68 8.78
C THR B 72 -40.25 0.68 7.88
N LYS B 73 -40.29 -0.58 8.30
CA LYS B 73 -40.87 -1.65 7.53
C LYS B 73 -41.91 -2.39 8.36
N ASP B 74 -42.83 -3.06 7.67
CA ASP B 74 -43.87 -3.87 8.30
C ASP B 74 -44.07 -5.11 7.42
N THR B 75 -43.52 -6.24 7.87
CA THR B 75 -43.62 -7.48 7.11
C THR B 75 -45.00 -8.11 7.20
N SER B 76 -45.73 -7.85 8.29
CA SER B 76 -47.04 -8.46 8.46
C SER B 76 -48.01 -8.03 7.36
N LYS B 77 -48.01 -6.75 7.02
CA LYS B 77 -48.91 -6.22 6.01
C LYS B 77 -48.18 -5.79 4.73
N ASN B 78 -46.88 -6.08 4.62
CA ASN B 78 -46.10 -5.78 3.43
C ASN B 78 -46.12 -4.29 3.10
N GLN B 79 -45.57 -3.48 4.01
CA GLN B 79 -45.56 -2.04 3.84
C GLN B 79 -44.20 -1.47 4.22
N VAL B 80 -43.85 -0.34 3.61
CA VAL B 80 -42.67 0.43 4.00
C VAL B 80 -43.08 1.88 4.11
N VAL B 81 -42.64 2.54 5.17
CA VAL B 81 -43.00 3.94 5.44
C VAL B 81 -41.72 4.75 5.54
N LEU B 82 -41.74 5.95 4.96
CA LEU B 82 -40.61 6.87 5.05
C LEU B 82 -41.09 8.20 5.61
N LYS B 83 -40.29 8.74 6.53
CA LYS B 83 -40.53 10.05 7.12
C LYS B 83 -39.32 10.94 6.86
N MET B 84 -39.60 12.12 6.31
CA MET B 84 -38.59 13.11 5.94
C MET B 84 -39.08 14.46 6.44
N THR B 85 -38.36 15.04 7.40
CA THR B 85 -38.82 16.21 8.11
C THR B 85 -38.12 17.46 7.61
N ASN B 86 -38.64 18.62 8.02
CA ASN B 86 -38.08 19.92 7.72
C ASN B 86 -37.96 20.14 6.20
N MET B 87 -39.12 20.19 5.56
CA MET B 87 -39.17 20.36 4.11
C MET B 87 -38.63 21.73 3.71
N ASP B 88 -38.14 21.81 2.48
CA ASP B 88 -37.59 23.02 1.91
C ASP B 88 -38.16 23.23 0.51
N PRO B 89 -38.38 24.48 0.11
CA PRO B 89 -38.93 24.74 -1.23
C PRO B 89 -38.08 24.19 -2.36
N VAL B 90 -36.75 24.23 -2.25
CA VAL B 90 -35.89 23.72 -3.31
C VAL B 90 -35.79 22.21 -3.33
N ASP B 91 -36.49 21.52 -2.43
CA ASP B 91 -36.51 20.07 -2.40
C ASP B 91 -37.72 19.48 -3.14
N THR B 92 -38.49 20.32 -3.83
CA THR B 92 -39.59 19.82 -4.65
C THR B 92 -39.04 18.85 -5.68
N ALA B 93 -39.67 17.69 -5.82
CA ALA B 93 -39.08 16.63 -6.62
C ALA B 93 -40.14 15.56 -6.89
N THR B 94 -39.72 14.46 -7.50
CA THR B 94 -40.53 13.26 -7.64
C THR B 94 -39.80 12.11 -6.98
N TYR B 95 -40.49 11.38 -6.11
CA TYR B 95 -39.86 10.38 -5.27
C TYR B 95 -40.29 8.98 -5.70
N TYR B 96 -39.33 8.05 -5.68
CA TYR B 96 -39.53 6.68 -6.15
C TYR B 96 -39.09 5.69 -5.08
N CYS B 97 -39.78 4.55 -5.05
CA CYS B 97 -39.44 3.42 -4.20
C CYS B 97 -39.17 2.21 -5.09
N ALA B 98 -38.13 1.43 -4.74
CA ALA B 98 -37.66 0.38 -5.62
C ALA B 98 -37.14 -0.80 -4.80
N ARG B 99 -36.90 -1.91 -5.50
CA ARG B 99 -36.41 -3.14 -4.90
C ARG B 99 -34.96 -3.40 -5.33
N LEU B 100 -34.16 -3.91 -4.41
CA LEU B 100 -32.77 -4.26 -4.68
C LEU B 100 -32.52 -5.70 -4.26
N SER B 101 -31.75 -6.42 -5.06
CA SER B 101 -31.35 -7.78 -4.76
C SER B 101 -29.88 -7.81 -4.38
N LEU B 102 -29.56 -8.58 -3.35
CA LEU B 102 -28.20 -8.62 -2.83
C LEU B 102 -27.28 -9.51 -3.66
N ARG B 103 -27.77 -10.11 -4.74
CA ARG B 103 -26.97 -10.98 -5.58
C ARG B 103 -26.39 -10.26 -6.79
N LEU B 104 -26.85 -9.03 -7.08
CA LEU B 104 -26.35 -8.26 -8.21
C LEU B 104 -25.96 -6.83 -7.86
N LEU B 105 -26.42 -6.29 -6.73
CA LEU B 105 -26.10 -4.92 -6.31
C LEU B 105 -26.52 -3.90 -7.37
N THR B 106 -27.73 -4.06 -7.88
CA THR B 106 -28.31 -3.10 -8.82
C THR B 106 -29.82 -3.15 -8.68
N PHE B 107 -30.46 -1.97 -8.79
CA PHE B 107 -31.90 -1.89 -8.62
C PHE B 107 -32.60 -2.44 -9.85
N ASP B 108 -33.48 -3.43 -9.65
CA ASP B 108 -34.14 -4.12 -10.75
C ASP B 108 -35.56 -3.60 -10.99
N TYR B 109 -36.41 -3.65 -9.97
CA TYR B 109 -37.81 -3.28 -10.10
C TYR B 109 -38.08 -1.93 -9.46
N TRP B 110 -38.83 -1.08 -10.17
CA TRP B 110 -39.17 0.25 -9.70
C TRP B 110 -40.68 0.43 -9.71
N GLY B 111 -41.14 1.47 -9.02
CA GLY B 111 -42.53 1.87 -9.03
C GLY B 111 -42.79 3.01 -9.99
N GLN B 112 -43.86 3.76 -9.72
CA GLN B 112 -44.22 4.90 -10.55
C GLN B 112 -43.84 6.24 -9.92
N GLY B 113 -43.59 6.29 -8.63
CA GLY B 113 -43.20 7.52 -7.96
C GLY B 113 -44.36 8.48 -7.79
N THR B 114 -44.10 9.54 -7.02
CA THR B 114 -45.13 10.54 -6.75
C THR B 114 -44.48 11.92 -6.60
N LEU B 115 -45.29 12.94 -6.84
CA LEU B 115 -44.82 14.31 -6.81
C LEU B 115 -44.83 14.87 -5.40
N VAL B 116 -43.79 15.61 -5.04
CA VAL B 116 -43.70 16.30 -3.76
C VAL B 116 -43.41 17.77 -4.04
N THR B 117 -44.31 18.65 -3.62
CA THR B 117 -44.28 20.07 -3.94
C THR B 117 -44.41 20.90 -2.68
N VAL B 118 -43.60 21.95 -2.58
CA VAL B 118 -43.59 22.85 -1.43
C VAL B 118 -44.03 24.23 -1.92
N SER B 119 -45.08 24.77 -1.30
CA SER B 119 -45.57 26.09 -1.68
C SER B 119 -46.36 26.68 -0.52
N SER B 120 -46.56 27.99 -0.57
CA SER B 120 -47.30 28.73 0.46
C SER B 120 -48.70 29.11 -0.02
N ALA B 121 -49.34 28.23 -0.77
CA ALA B 121 -50.68 28.48 -1.29
C ALA B 121 -51.65 27.46 -0.71
N SER B 122 -52.88 27.47 -1.23
CA SER B 122 -53.93 26.60 -0.73
C SER B 122 -54.59 25.87 -1.89
N THR B 123 -55.18 24.72 -1.58
CA THR B 123 -55.82 23.89 -2.60
C THR B 123 -56.99 24.63 -3.23
N LYS B 124 -57.05 24.61 -4.56
CA LYS B 124 -58.11 25.24 -5.32
C LYS B 124 -58.64 24.26 -6.36
N GLY B 125 -59.95 24.37 -6.63
CA GLY B 125 -60.60 23.48 -7.56
C GLY B 125 -60.40 23.90 -9.00
N PRO B 126 -61.09 23.24 -9.92
CA PRO B 126 -60.95 23.56 -11.34
C PRO B 126 -61.91 24.65 -11.81
N SER B 127 -61.43 25.42 -12.78
CA SER B 127 -62.25 26.39 -13.50
C SER B 127 -62.33 25.88 -14.93
N VAL B 128 -63.42 25.18 -15.25
CA VAL B 128 -63.53 24.42 -16.49
C VAL B 128 -64.33 25.22 -17.51
N PHE B 129 -63.81 25.31 -18.73
CA PHE B 129 -64.45 26.02 -19.83
C PHE B 129 -64.33 25.21 -21.12
N PRO B 130 -65.33 25.28 -21.99
CA PRO B 130 -65.23 24.59 -23.28
C PRO B 130 -64.56 25.41 -24.37
N LEU B 131 -63.46 24.90 -24.93
CA LEU B 131 -62.81 25.52 -26.08
C LEU B 131 -63.43 24.95 -27.35
N ALA B 132 -64.22 25.75 -28.04
CA ALA B 132 -64.93 25.36 -29.26
C ALA B 132 -64.02 25.49 -30.48
N PRO B 133 -64.24 24.68 -31.50
CA PRO B 133 -63.43 24.79 -32.72
C PRO B 133 -63.76 26.04 -33.50
N SER B 134 -62.80 26.47 -34.32
CA SER B 134 -62.94 27.64 -35.16
C SER B 134 -62.77 27.27 -36.62
N SER B 135 -63.34 28.10 -37.49
CA SER B 135 -63.24 27.85 -38.93
C SER B 135 -61.79 27.91 -39.40
N LYS B 136 -61.02 28.86 -38.88
CA LYS B 136 -59.61 28.96 -39.23
C LYS B 136 -58.82 27.74 -38.76
N SER B 137 -59.24 27.14 -37.64
CA SER B 137 -58.56 25.96 -37.11
C SER B 137 -58.86 24.70 -37.91
N THR B 138 -59.87 24.73 -38.78
CA THR B 138 -60.26 23.54 -39.56
C THR B 138 -59.37 23.47 -40.80
N SER B 139 -58.33 22.64 -40.72
CA SER B 139 -57.41 22.43 -41.83
C SER B 139 -57.45 20.97 -42.22
N GLY B 140 -57.70 20.70 -43.51
CA GLY B 140 -57.81 19.34 -43.99
C GLY B 140 -58.98 18.57 -43.42
N GLY B 141 -60.07 19.26 -43.10
CA GLY B 141 -61.24 18.60 -42.57
C GLY B 141 -61.17 18.20 -41.11
N THR B 142 -60.14 18.62 -40.39
CA THR B 142 -59.96 18.27 -38.99
C THR B 142 -60.11 19.51 -38.12
N ALA B 143 -60.94 19.41 -37.08
CA ALA B 143 -61.20 20.51 -36.17
C ALA B 143 -60.88 20.08 -34.75
N ALA B 144 -60.28 20.99 -33.98
CA ALA B 144 -59.86 20.72 -32.62
C ALA B 144 -60.80 21.41 -31.63
N LEU B 145 -61.31 20.64 -30.67
CA LEU B 145 -62.17 21.16 -29.62
C LEU B 145 -61.81 20.45 -28.33
N GLY B 146 -62.01 21.13 -27.20
CA GLY B 146 -61.54 20.55 -25.95
C GLY B 146 -62.07 21.22 -24.70
N CYS B 147 -61.46 20.82 -23.59
CA CYS B 147 -61.89 21.17 -22.25
C CYS B 147 -60.70 21.78 -21.52
N LEU B 148 -60.80 23.06 -21.17
CA LEU B 148 -59.69 23.81 -20.59
C LEU B 148 -59.98 24.11 -19.13
N VAL B 149 -59.11 23.64 -18.25
CA VAL B 149 -59.23 23.90 -16.82
C VAL B 149 -58.15 24.90 -16.41
N LYS B 150 -58.56 25.94 -15.69
CA LYS B 150 -57.69 27.02 -15.26
C LYS B 150 -57.92 27.28 -13.78
N ASP B 151 -56.91 27.89 -13.15
CA ASP B 151 -56.96 28.27 -11.74
C ASP B 151 -57.17 27.06 -10.84
N TYR B 152 -56.23 26.11 -10.94
CA TYR B 152 -56.26 24.89 -10.15
C TYR B 152 -54.92 24.72 -9.45
N PHE B 153 -54.94 23.94 -8.37
CA PHE B 153 -53.75 23.67 -7.58
C PHE B 153 -53.98 22.41 -6.74
N PRO B 154 -53.01 21.50 -6.65
CA PRO B 154 -51.72 21.47 -7.34
C PRO B 154 -51.68 20.44 -8.46
N GLU B 155 -50.50 20.24 -9.06
CA GLU B 155 -50.32 19.18 -10.03
C GLU B 155 -50.49 17.81 -9.39
N PRO B 156 -50.96 16.80 -10.14
CA PRO B 156 -51.45 16.86 -11.52
C PRO B 156 -52.96 16.76 -11.61
N VAL B 157 -53.50 16.69 -12.82
CA VAL B 157 -54.93 16.51 -13.06
C VAL B 157 -55.11 15.23 -13.88
N THR B 158 -55.97 14.34 -13.41
CA THR B 158 -56.23 13.10 -14.13
C THR B 158 -57.42 13.32 -15.06
N VAL B 159 -57.19 13.20 -16.36
CA VAL B 159 -58.15 13.57 -17.39
C VAL B 159 -58.62 12.31 -18.10
N SER B 160 -59.92 12.15 -18.23
CA SER B 160 -60.53 11.05 -18.99
C SER B 160 -61.41 11.65 -20.07
N TRP B 161 -61.08 11.34 -21.32
CA TRP B 161 -61.91 11.73 -22.47
C TRP B 161 -62.88 10.59 -22.75
N ASN B 162 -64.17 10.85 -22.52
CA ASN B 162 -65.21 9.82 -22.65
C ASN B 162 -64.86 8.60 -21.79
N SER B 163 -64.49 8.88 -20.53
CA SER B 163 -64.07 7.85 -19.58
C SER B 163 -62.86 7.06 -20.07
N GLY B 164 -61.97 7.72 -20.83
CA GLY B 164 -60.74 7.12 -21.27
C GLY B 164 -60.86 6.20 -22.47
N ALA B 165 -62.05 6.03 -23.03
CA ALA B 165 -62.20 5.16 -24.19
C ALA B 165 -61.44 5.70 -25.40
N LEU B 166 -61.50 7.01 -25.62
CA LEU B 166 -60.84 7.62 -26.77
C LEU B 166 -59.38 7.89 -26.46
N THR B 167 -58.48 7.30 -27.26
CA THR B 167 -57.05 7.48 -27.07
C THR B 167 -56.35 8.02 -28.30
N SER B 168 -57.05 8.19 -29.42
CA SER B 168 -56.46 8.68 -30.66
C SER B 168 -56.83 10.14 -30.86
N GLY B 169 -55.85 10.96 -31.24
CA GLY B 169 -56.10 12.37 -31.46
C GLY B 169 -56.34 13.17 -30.21
N VAL B 170 -55.76 12.77 -29.09
CA VAL B 170 -55.92 13.48 -27.82
C VAL B 170 -54.62 14.19 -27.50
N HIS B 171 -54.72 15.50 -27.27
CA HIS B 171 -53.56 16.33 -26.93
C HIS B 171 -53.84 16.99 -25.59
N THR B 172 -53.15 16.53 -24.54
CA THR B 172 -53.27 17.09 -23.20
C THR B 172 -51.96 17.83 -22.91
N PHE B 173 -51.98 19.15 -23.09
CA PHE B 173 -50.77 19.93 -22.98
C PHE B 173 -50.28 19.96 -21.52
N PRO B 174 -48.97 20.00 -21.31
CA PRO B 174 -48.46 20.13 -19.95
C PRO B 174 -48.83 21.47 -19.35
N ALA B 175 -48.87 21.51 -18.01
CA ALA B 175 -49.25 22.71 -17.31
C ALA B 175 -48.22 23.82 -17.53
N VAL B 176 -48.63 25.05 -17.23
CA VAL B 176 -47.81 26.24 -17.46
C VAL B 176 -47.74 27.03 -16.16
N LEU B 177 -46.66 27.82 -16.03
CA LEU B 177 -46.45 28.68 -14.88
C LEU B 177 -46.77 30.11 -15.30
N GLN B 178 -47.86 30.66 -14.76
CA GLN B 178 -48.28 32.01 -15.09
C GLN B 178 -47.46 33.04 -14.31
N SER B 179 -47.75 34.31 -14.55
CA SER B 179 -47.19 35.36 -13.71
C SER B 179 -47.76 35.31 -12.30
N SER B 180 -48.97 34.78 -12.15
CA SER B 180 -49.60 34.59 -10.85
C SER B 180 -49.20 33.27 -10.19
N GLY B 181 -48.38 32.46 -10.86
CA GLY B 181 -47.95 31.20 -10.29
C GLY B 181 -49.03 30.13 -10.23
N LEU B 182 -50.04 30.24 -11.08
CA LEU B 182 -51.16 29.30 -11.07
C LEU B 182 -51.14 28.50 -12.37
N TYR B 183 -51.19 27.16 -12.24
CA TYR B 183 -51.16 26.30 -13.39
C TYR B 183 -52.48 26.37 -14.17
N SER B 184 -52.39 26.08 -15.46
CA SER B 184 -53.56 26.02 -16.34
C SER B 184 -53.28 25.00 -17.44
N LEU B 185 -54.24 24.12 -17.69
CA LEU B 185 -54.06 23.08 -18.70
C LEU B 185 -55.35 22.90 -19.50
N SER B 186 -55.24 22.16 -20.59
CA SER B 186 -56.38 21.93 -21.46
C SER B 186 -56.18 20.60 -22.19
N SER B 187 -57.25 19.83 -22.28
CA SER B 187 -57.24 18.56 -23.01
C SER B 187 -58.10 18.75 -24.26
N VAL B 188 -57.50 18.55 -25.43
CA VAL B 188 -58.15 18.82 -26.70
C VAL B 188 -58.17 17.54 -27.53
N VAL B 189 -59.12 17.49 -28.46
CA VAL B 189 -59.25 16.37 -29.38
C VAL B 189 -59.52 16.94 -30.77
N THR B 190 -58.83 16.37 -31.76
CA THR B 190 -59.02 16.73 -33.17
C THR B 190 -59.85 15.65 -33.84
N VAL B 191 -60.95 16.07 -34.48
CA VAL B 191 -61.90 15.12 -35.07
C VAL B 191 -62.23 15.57 -36.50
N PRO B 192 -62.64 14.66 -37.37
CA PRO B 192 -63.03 15.06 -38.73
C PRO B 192 -64.23 15.99 -38.72
N SER B 193 -64.31 16.82 -39.77
CA SER B 193 -65.38 17.81 -39.85
C SER B 193 -66.75 17.15 -39.93
N SER B 194 -66.84 16.03 -40.65
CA SER B 194 -68.13 15.35 -40.79
C SER B 194 -68.63 14.77 -39.46
N SER B 195 -67.71 14.45 -38.55
CA SER B 195 -68.06 13.86 -37.27
C SER B 195 -68.22 14.88 -36.16
N LEU B 196 -68.14 16.17 -36.49
CA LEU B 196 -68.25 17.21 -35.45
C LEU B 196 -69.63 17.18 -34.79
N GLY B 197 -70.69 17.04 -35.58
CA GLY B 197 -72.05 17.06 -35.08
C GLY B 197 -72.64 15.71 -34.76
N THR B 198 -71.86 14.63 -34.80
CA THR B 198 -72.37 13.29 -34.57
C THR B 198 -71.75 12.58 -33.37
N GLN B 199 -70.68 13.13 -32.80
CA GLN B 199 -69.99 12.50 -31.69
C GLN B 199 -70.05 13.39 -30.46
N THR B 200 -70.24 12.79 -29.29
CA THR B 200 -70.32 13.52 -28.03
C THR B 200 -68.95 13.54 -27.36
N TYR B 201 -68.49 14.74 -27.01
CA TYR B 201 -67.17 14.93 -26.39
C TYR B 201 -67.36 15.46 -24.99
N ILE B 202 -66.95 14.67 -24.00
CA ILE B 202 -67.11 15.01 -22.58
C ILE B 202 -65.77 14.79 -21.89
N CYS B 203 -65.29 15.82 -21.20
CA CYS B 203 -64.07 15.75 -20.40
C CYS B 203 -64.44 15.43 -18.96
N ASN B 204 -63.64 14.56 -18.33
CA ASN B 204 -63.75 14.29 -16.90
C ASN B 204 -62.41 14.62 -16.25
N VAL B 205 -62.45 15.49 -15.25
CA VAL B 205 -61.27 15.93 -14.52
C VAL B 205 -61.39 15.41 -13.10
N ASN B 206 -60.39 14.66 -12.64
CA ASN B 206 -60.32 14.17 -11.27
C ASN B 206 -59.05 14.70 -10.63
N HIS B 207 -59.20 15.21 -9.41
CA HIS B 207 -58.16 15.92 -8.66
C HIS B 207 -57.99 15.18 -7.34
N LYS B 208 -56.90 14.40 -7.22
CA LYS B 208 -56.70 13.58 -6.03
C LYS B 208 -56.46 14.41 -4.78
N PRO B 209 -55.58 15.42 -4.76
CA PRO B 209 -55.42 16.21 -3.53
C PRO B 209 -56.72 16.86 -3.07
N SER B 210 -57.56 17.32 -3.99
CA SER B 210 -58.86 17.87 -3.65
C SER B 210 -60.00 16.88 -3.84
N ASN B 211 -59.68 15.66 -4.29
CA ASN B 211 -60.65 14.60 -4.59
C ASN B 211 -61.92 15.16 -5.22
N THR B 212 -61.73 15.83 -6.36
CA THR B 212 -62.82 16.48 -7.07
C THR B 212 -63.02 15.81 -8.43
N LYS B 213 -64.29 15.65 -8.81
CA LYS B 213 -64.65 15.03 -10.09
C LYS B 213 -65.61 15.98 -10.82
N VAL B 214 -65.17 16.48 -11.98
CA VAL B 214 -65.95 17.44 -12.76
C VAL B 214 -66.06 16.94 -14.19
N ASP B 215 -67.30 16.90 -14.70
CA ASP B 215 -67.57 16.46 -16.06
C ASP B 215 -68.16 17.63 -16.86
N LYS B 216 -67.61 17.87 -18.05
CA LYS B 216 -68.07 18.98 -18.88
C LYS B 216 -68.08 18.57 -20.35
N LYS B 217 -69.15 18.92 -21.05
CA LYS B 217 -69.28 18.63 -22.46
C LYS B 217 -68.71 19.78 -23.30
N VAL B 218 -68.21 19.45 -24.48
CA VAL B 218 -67.65 20.43 -25.41
C VAL B 218 -68.51 20.46 -26.66
N GLU B 219 -68.95 21.65 -27.05
CA GLU B 219 -69.76 21.86 -28.24
C GLU B 219 -69.23 23.08 -29.00
N PRO B 220 -69.40 23.10 -30.32
CA PRO B 220 -68.96 24.28 -31.09
C PRO B 220 -69.78 25.50 -30.73
N LYS B 221 -69.14 26.67 -30.84
CA LYS B 221 -69.80 27.93 -30.54
C LYS B 221 -70.81 28.28 -31.62
N SER B 222 -71.95 28.83 -31.21
CA SER B 222 -73.02 29.23 -32.11
C SER B 222 -73.19 30.74 -32.04
N CYS B 223 -73.27 31.38 -33.21
CA CYS B 223 -73.45 32.82 -33.26
C CYS B 223 -74.84 33.21 -32.75
N ASP B 224 -74.89 34.29 -31.99
CA ASP B 224 -76.15 34.78 -31.43
C ASP B 224 -76.30 36.28 -31.66
N SER C 1 -14.63 7.72 -0.51
CA SER C 1 -15.66 7.23 -1.40
C SER C 1 -15.17 7.19 -2.84
N TYR C 2 -15.66 6.21 -3.61
CA TYR C 2 -15.35 6.11 -5.02
C TYR C 2 -15.93 7.30 -5.77
N VAL C 3 -15.23 7.75 -6.80
CA VAL C 3 -15.67 8.84 -7.66
C VAL C 3 -15.83 8.29 -9.08
N VAL C 4 -16.99 8.54 -9.68
CA VAL C 4 -17.30 8.09 -11.02
C VAL C 4 -17.79 9.28 -11.83
N THR C 5 -17.16 9.53 -12.98
CA THR C 5 -17.49 10.65 -13.84
C THR C 5 -17.76 10.17 -15.25
N GLN C 6 -18.73 10.80 -15.91
CA GLN C 6 -19.07 10.48 -17.29
C GLN C 6 -19.40 11.76 -18.03
N PRO C 7 -19.17 11.81 -19.35
CA PRO C 7 -19.43 13.03 -20.09
C PRO C 7 -20.90 13.38 -20.07
N PRO C 8 -21.23 14.68 -20.05
CA PRO C 8 -22.64 15.07 -19.94
C PRO C 8 -23.49 14.82 -21.17
N SER C 9 -23.05 15.26 -22.34
CA SER C 9 -23.88 15.22 -23.54
C SER C 9 -23.09 14.67 -24.72
N VAL C 10 -23.74 13.79 -25.48
CA VAL C 10 -23.20 13.25 -26.72
C VAL C 10 -24.32 13.20 -27.75
N SER C 11 -24.05 13.70 -28.95
CA SER C 11 -25.02 13.74 -30.03
C SER C 11 -24.60 12.80 -31.15
N VAL C 12 -25.56 12.02 -31.66
CA VAL C 12 -25.30 11.05 -32.72
C VAL C 12 -26.28 11.28 -33.86
N ALA C 13 -25.76 11.33 -35.09
CA ALA C 13 -26.61 11.47 -36.26
C ALA C 13 -27.40 10.17 -36.48
N PRO C 14 -28.49 10.23 -37.25
CA PRO C 14 -29.43 9.10 -37.27
C PRO C 14 -28.78 7.80 -37.71
N ARG C 15 -29.29 6.70 -37.13
CA ARG C 15 -29.02 5.34 -37.54
C ARG C 15 -27.56 4.92 -37.34
N GLN C 16 -26.80 5.67 -36.57
CA GLN C 16 -25.39 5.35 -36.35
C GLN C 16 -25.21 4.62 -35.03
N THR C 17 -23.95 4.46 -34.62
CA THR C 17 -23.59 3.81 -33.37
C THR C 17 -23.24 4.85 -32.33
N ALA C 18 -23.74 4.66 -31.11
CA ALA C 18 -23.45 5.54 -29.99
C ALA C 18 -22.80 4.74 -28.87
N ARG C 19 -21.75 5.31 -28.28
CA ARG C 19 -21.04 4.68 -27.18
C ARG C 19 -20.98 5.65 -26.01
N ILE C 20 -21.42 5.19 -24.83
CA ILE C 20 -21.41 5.98 -23.62
C ILE C 20 -20.48 5.31 -22.63
N THR C 21 -19.59 6.09 -22.02
CA THR C 21 -18.54 5.57 -21.16
C THR C 21 -18.81 5.91 -19.70
N CYS C 22 -18.70 4.90 -18.84
CA CYS C 22 -18.62 5.09 -17.40
C CYS C 22 -17.20 4.71 -16.99
N GLY C 23 -16.50 5.67 -16.41
CA GLY C 23 -15.09 5.50 -16.12
C GLY C 23 -14.72 6.00 -14.75
N GLY C 24 -13.70 5.39 -14.17
CA GLY C 24 -13.21 5.77 -12.86
C GLY C 24 -11.92 5.06 -12.56
N SER C 25 -11.26 5.53 -11.50
CA SER C 25 -9.97 4.96 -11.12
C SER C 25 -10.12 3.50 -10.73
N ASN C 26 -9.57 2.59 -11.55
CA ASN C 26 -9.67 1.16 -11.32
C ASN C 26 -11.12 0.71 -11.26
N ILE C 27 -11.82 0.89 -12.38
CA ILE C 27 -13.24 0.57 -12.45
C ILE C 27 -13.50 -0.84 -12.98
N GLY C 28 -12.47 -1.53 -13.46
CA GLY C 28 -12.66 -2.87 -13.98
C GLY C 28 -13.08 -3.87 -12.91
N SER C 29 -12.47 -3.77 -11.73
CA SER C 29 -12.74 -4.75 -10.68
C SER C 29 -14.13 -4.60 -10.09
N LYS C 30 -14.79 -3.46 -10.28
CA LYS C 30 -16.13 -3.24 -9.76
C LYS C 30 -17.18 -3.44 -10.84
N SER C 31 -18.36 -3.85 -10.42
CA SER C 31 -19.47 -4.03 -11.36
C SER C 31 -20.17 -2.70 -11.60
N VAL C 32 -20.44 -2.40 -12.87
CA VAL C 32 -21.08 -1.15 -13.28
C VAL C 32 -22.31 -1.49 -14.10
N HIS C 33 -23.43 -0.83 -13.80
CA HIS C 33 -24.71 -1.17 -14.42
C HIS C 33 -25.30 0.06 -15.09
N TRP C 34 -26.22 -0.18 -16.03
CA TRP C 34 -26.86 0.87 -16.81
C TRP C 34 -28.34 0.96 -16.47
N HIS C 35 -28.80 2.18 -16.21
CA HIS C 35 -30.21 2.48 -15.96
C HIS C 35 -30.69 3.51 -16.97
N GLN C 36 -31.83 3.25 -17.58
CA GLN C 36 -32.37 4.10 -18.64
C GLN C 36 -33.73 4.65 -18.22
N GLN C 37 -33.97 5.92 -18.53
CA GLN C 37 -35.25 6.54 -18.23
C GLN C 37 -35.52 7.68 -19.20
N LYS C 38 -36.73 7.68 -19.76
CA LYS C 38 -37.25 8.75 -20.60
C LYS C 38 -37.92 9.81 -19.74
N PRO C 39 -38.03 11.05 -20.25
CA PRO C 39 -38.67 12.09 -19.45
C PRO C 39 -40.13 11.75 -19.13
N GLY C 40 -40.53 12.07 -17.91
CA GLY C 40 -41.89 11.81 -17.47
C GLY C 40 -42.25 10.34 -17.46
N GLN C 41 -41.33 9.48 -17.02
CA GLN C 41 -41.55 8.05 -17.04
C GLN C 41 -40.78 7.39 -15.91
N ALA C 42 -41.20 6.18 -15.56
CA ALA C 42 -40.49 5.41 -14.56
C ALA C 42 -39.21 4.84 -15.15
N PRO C 43 -38.10 4.88 -14.42
CA PRO C 43 -36.84 4.37 -14.95
C PRO C 43 -36.89 2.88 -15.21
N VAL C 44 -36.05 2.42 -16.15
CA VAL C 44 -36.01 1.01 -16.52
C VAL C 44 -34.55 0.55 -16.53
N LEU C 45 -34.36 -0.73 -16.22
CA LEU C 45 -33.05 -1.36 -16.28
C LEU C 45 -32.85 -2.00 -17.66
N VAL C 46 -31.64 -1.90 -18.19
CA VAL C 46 -31.30 -2.46 -19.49
C VAL C 46 -30.12 -3.44 -19.39
N VAL C 47 -29.05 -3.05 -18.71
CA VAL C 47 -27.84 -3.86 -18.61
C VAL C 47 -27.41 -3.93 -17.15
N TYR C 48 -27.20 -5.13 -16.64
CA TYR C 48 -26.78 -5.32 -15.26
C TYR C 48 -25.64 -6.33 -15.20
N ASP C 49 -24.68 -6.06 -14.31
CA ASP C 49 -23.62 -7.00 -13.96
C ASP C 49 -22.83 -7.46 -15.19
N ASP C 50 -22.21 -6.49 -15.86
CA ASP C 50 -21.23 -6.74 -16.92
C ASP C 50 -21.83 -7.55 -18.07
N SER C 51 -22.76 -6.91 -18.76
CA SER C 51 -23.19 -7.30 -20.11
C SER C 51 -23.83 -8.68 -20.15
N ASP C 52 -24.96 -8.81 -19.45
CA ASP C 52 -25.95 -9.84 -19.74
C ASP C 52 -27.27 -9.15 -20.08
N ARG C 53 -28.32 -9.94 -20.28
CA ARG C 53 -29.57 -9.36 -20.75
C ARG C 53 -30.76 -9.88 -19.94
N PRO C 54 -31.62 -8.99 -19.44
CA PRO C 54 -32.91 -9.42 -18.90
C PRO C 54 -33.97 -9.51 -19.99
N SER C 55 -35.07 -10.19 -19.65
CA SER C 55 -36.12 -10.43 -20.61
C SER C 55 -36.75 -9.12 -21.07
N GLY C 56 -36.99 -9.01 -22.39
CA GLY C 56 -37.62 -7.86 -22.96
C GLY C 56 -36.69 -6.74 -23.39
N ILE C 57 -35.45 -6.75 -22.92
CA ILE C 57 -34.50 -5.68 -23.25
C ILE C 57 -34.08 -5.81 -24.70
N PRO C 58 -34.00 -4.71 -25.46
CA PRO C 58 -33.57 -4.81 -26.86
C PRO C 58 -32.14 -5.31 -26.99
N GLU C 59 -31.87 -5.96 -28.12
CA GLU C 59 -30.57 -6.57 -28.36
C GLU C 59 -29.52 -5.60 -28.90
N ARG C 60 -29.92 -4.39 -29.29
CA ARG C 60 -28.96 -3.42 -29.81
C ARG C 60 -28.07 -2.83 -28.73
N PHE C 61 -28.38 -3.05 -27.46
CA PHE C 61 -27.55 -2.58 -26.35
C PHE C 61 -26.49 -3.63 -26.04
N SER C 62 -25.23 -3.19 -25.99
CA SER C 62 -24.12 -4.07 -25.66
C SER C 62 -23.24 -3.40 -24.61
N GLY C 63 -22.66 -4.21 -23.74
CA GLY C 63 -21.83 -3.71 -22.67
C GLY C 63 -20.45 -4.32 -22.69
N SER C 64 -19.46 -3.50 -22.35
CA SER C 64 -18.09 -3.96 -22.19
C SER C 64 -17.52 -3.37 -20.91
N ASN C 65 -16.69 -4.15 -20.22
CA ASN C 65 -16.13 -3.74 -18.93
C ASN C 65 -14.67 -4.20 -18.88
N SER C 66 -13.73 -3.26 -18.96
CA SER C 66 -12.33 -3.61 -18.90
C SER C 66 -11.51 -2.39 -18.52
N GLY C 67 -10.44 -2.62 -17.77
CA GLY C 67 -9.53 -1.56 -17.36
C GLY C 67 -10.20 -0.43 -16.63
N ASN C 68 -10.22 0.74 -17.25
CA ASN C 68 -10.89 1.92 -16.71
C ASN C 68 -12.02 2.37 -17.61
N THR C 69 -12.72 1.41 -18.22
CA THR C 69 -13.81 1.69 -19.14
C THR C 69 -14.96 0.72 -18.91
N ALA C 70 -16.17 1.26 -18.91
CA ALA C 70 -17.40 0.48 -19.03
C ALA C 70 -18.22 1.14 -20.12
N THR C 71 -18.30 0.51 -21.27
CA THR C 71 -18.87 1.11 -22.47
C THR C 71 -20.22 0.47 -22.79
N LEU C 72 -21.23 1.31 -22.98
CA LEU C 72 -22.54 0.89 -23.46
C LEU C 72 -22.68 1.35 -24.90
N THR C 73 -22.90 0.41 -25.80
CA THR C 73 -22.91 0.67 -27.24
C THR C 73 -24.28 0.32 -27.79
N ILE C 74 -24.87 1.26 -28.52
CA ILE C 74 -26.17 1.09 -29.17
C ILE C 74 -25.98 1.27 -30.67
N THR C 75 -26.45 0.31 -31.45
CA THR C 75 -26.41 0.36 -32.90
C THR C 75 -27.82 0.46 -33.44
N ARG C 76 -27.92 0.98 -34.68
CA ARG C 76 -29.21 1.17 -35.34
C ARG C 76 -30.12 2.07 -34.49
N VAL C 77 -29.67 3.29 -34.30
CA VAL C 77 -30.28 4.21 -33.34
C VAL C 77 -31.44 4.95 -34.00
N GLU C 78 -32.59 4.96 -33.34
CA GLU C 78 -33.75 5.72 -33.80
C GLU C 78 -33.87 6.99 -32.97
N ALA C 79 -34.98 7.72 -33.16
CA ALA C 79 -35.29 8.84 -32.29
C ALA C 79 -35.80 8.36 -30.93
N GLY C 80 -36.45 7.20 -30.89
CA GLY C 80 -36.96 6.66 -29.64
C GLY C 80 -35.89 6.25 -28.65
N ASP C 81 -34.64 6.17 -29.08
CA ASP C 81 -33.54 5.89 -28.17
C ASP C 81 -33.04 7.15 -27.45
N GLU C 82 -33.63 8.31 -27.75
CA GLU C 82 -33.28 9.53 -27.04
C GLU C 82 -33.84 9.46 -25.63
N ALA C 83 -32.97 9.26 -24.65
CA ALA C 83 -33.39 9.14 -23.25
C ALA C 83 -32.20 9.49 -22.37
N ASP C 84 -32.41 9.33 -21.06
CA ASP C 84 -31.37 9.61 -20.06
C ASP C 84 -30.79 8.31 -19.55
N TYR C 85 -29.46 8.22 -19.53
CA TYR C 85 -28.76 7.00 -19.15
C TYR C 85 -27.85 7.29 -17.97
N TYR C 86 -27.80 6.34 -17.03
CA TYR C 86 -27.00 6.46 -15.82
C TYR C 86 -26.19 5.19 -15.63
N CYS C 87 -25.00 5.35 -15.04
CA CYS C 87 -24.18 4.20 -14.64
C CYS C 87 -24.10 4.16 -13.13
N GLN C 88 -24.40 2.99 -12.56
CA GLN C 88 -24.53 2.79 -11.13
C GLN C 88 -23.51 1.78 -10.65
N VAL C 89 -22.96 2.01 -9.46
CA VAL C 89 -21.95 1.16 -8.86
C VAL C 89 -22.31 0.93 -7.39
N TRP C 90 -21.64 -0.03 -6.78
CA TRP C 90 -21.77 -0.29 -5.35
C TRP C 90 -20.49 0.19 -4.66
N ASP C 91 -20.54 1.37 -4.04
CA ASP C 91 -19.39 1.87 -3.32
C ASP C 91 -19.16 1.04 -2.07
N SER C 92 -17.94 0.53 -1.91
CA SER C 92 -17.60 -0.39 -0.84
C SER C 92 -17.15 0.32 0.42
N SER C 93 -16.56 1.50 0.29
CA SER C 93 -16.14 2.26 1.47
C SER C 93 -17.34 2.64 2.33
N GLY C 94 -18.43 3.06 1.71
CA GLY C 94 -19.63 3.40 2.43
C GLY C 94 -20.65 2.26 2.39
N ASP C 95 -20.35 1.22 1.63
CA ASP C 95 -21.19 0.04 1.51
C ASP C 95 -22.62 0.44 1.08
N HIS C 96 -22.70 1.25 0.03
CA HIS C 96 -23.99 1.75 -0.42
C HIS C 96 -23.96 1.96 -1.91
N PRO C 97 -25.11 1.94 -2.58
CA PRO C 97 -25.13 2.24 -4.01
C PRO C 97 -24.79 3.68 -4.29
N LEU C 98 -24.22 3.92 -5.48
CA LEU C 98 -23.87 5.26 -5.92
C LEU C 98 -24.21 5.41 -7.39
N PHE C 99 -24.96 6.46 -7.71
CA PHE C 99 -25.31 6.81 -9.08
C PHE C 99 -24.35 7.88 -9.59
N GLY C 100 -24.41 8.13 -10.88
CA GLY C 100 -23.56 9.10 -11.53
C GLY C 100 -24.22 10.44 -11.68
N GLY C 101 -23.91 11.13 -12.78
CA GLY C 101 -24.50 12.42 -13.06
C GLY C 101 -25.52 12.37 -14.17
N GLY C 102 -25.56 11.27 -14.89
CA GLY C 102 -26.50 11.12 -15.99
C GLY C 102 -25.93 11.58 -17.31
N THR C 103 -26.38 10.93 -18.38
CA THR C 103 -25.98 11.27 -19.74
C THR C 103 -27.22 11.43 -20.61
N LYS C 104 -27.22 12.44 -21.47
CA LYS C 104 -28.32 12.70 -22.38
C LYS C 104 -27.88 12.41 -23.80
N LEU C 105 -28.74 11.72 -24.55
CA LEU C 105 -28.46 11.34 -25.92
C LEU C 105 -29.30 12.20 -26.84
N THR C 106 -28.68 12.76 -27.87
CA THR C 106 -29.35 13.65 -28.81
C THR C 106 -29.45 12.98 -30.17
N VAL C 107 -30.66 12.91 -30.72
CA VAL C 107 -30.89 12.33 -32.03
C VAL C 107 -31.24 13.45 -33.01
N LEU C 108 -30.22 13.97 -33.70
CA LEU C 108 -30.43 14.99 -34.72
C LEU C 108 -30.77 14.31 -36.04
N GLY C 109 -30.78 15.08 -37.13
CA GLY C 109 -30.95 14.53 -38.45
C GLY C 109 -32.33 14.01 -38.77
N GLN C 110 -33.30 14.23 -37.90
CA GLN C 110 -34.67 13.81 -38.17
C GLN C 110 -35.25 14.67 -39.30
N PRO C 111 -36.25 14.15 -40.02
CA PRO C 111 -36.86 14.94 -41.08
C PRO C 111 -37.50 16.22 -40.54
N LYS C 112 -37.41 17.28 -41.33
CA LYS C 112 -37.91 18.59 -40.94
C LYS C 112 -39.31 18.80 -41.49
N ALA C 113 -40.24 19.20 -40.62
CA ALA C 113 -41.62 19.42 -40.99
C ALA C 113 -42.09 20.77 -40.44
N ASN C 114 -43.00 21.41 -41.19
CA ASN C 114 -43.51 22.70 -40.76
C ASN C 114 -44.47 22.55 -39.60
N PRO C 115 -44.46 23.48 -38.64
CA PRO C 115 -45.37 23.37 -37.50
C PRO C 115 -46.83 23.60 -37.88
N THR C 116 -47.71 23.04 -37.07
CA THR C 116 -49.14 23.28 -37.15
C THR C 116 -49.54 24.23 -36.01
N VAL C 117 -50.17 25.34 -36.36
CA VAL C 117 -50.46 26.42 -35.42
C VAL C 117 -51.97 26.58 -35.30
N THR C 118 -52.46 26.68 -34.07
CA THR C 118 -53.87 26.90 -33.79
C THR C 118 -54.00 27.96 -32.70
N LEU C 119 -55.12 28.68 -32.72
CA LEU C 119 -55.41 29.69 -31.71
C LEU C 119 -56.84 29.53 -31.25
N PHE C 120 -57.06 29.54 -29.94
CA PHE C 120 -58.40 29.37 -29.37
C PHE C 120 -58.63 30.33 -28.23
N PRO C 121 -59.78 31.01 -28.22
CA PRO C 121 -60.03 32.03 -27.21
C PRO C 121 -60.76 31.44 -26.00
N PRO C 122 -60.84 32.19 -24.90
CA PRO C 122 -61.66 31.75 -23.77
C PRO C 122 -63.13 31.71 -24.14
N SER C 123 -63.86 30.83 -23.46
CA SER C 123 -65.28 30.61 -23.74
C SER C 123 -66.13 31.72 -23.14
N SER C 124 -67.45 31.58 -23.27
CA SER C 124 -68.36 32.61 -22.77
C SER C 124 -68.32 32.71 -21.25
N GLU C 125 -68.41 31.58 -20.56
CA GLU C 125 -68.42 31.62 -19.10
C GLU C 125 -67.11 32.12 -18.52
N GLU C 126 -65.99 31.86 -19.21
CA GLU C 126 -64.72 32.41 -18.77
C GLU C 126 -64.73 33.93 -18.84
N LEU C 127 -65.30 34.49 -19.92
CA LEU C 127 -65.45 35.95 -20.00
C LEU C 127 -66.45 36.47 -18.98
N GLN C 128 -67.42 35.63 -18.58
CA GLN C 128 -68.39 36.06 -17.57
C GLN C 128 -67.71 36.30 -16.23
N ALA C 129 -66.60 35.61 -15.95
CA ALA C 129 -65.87 35.76 -14.71
C ALA C 129 -64.87 36.90 -14.74
N ASN C 130 -65.05 37.85 -15.66
CA ASN C 130 -64.15 39.01 -15.80
C ASN C 130 -62.71 38.56 -16.03
N LYS C 131 -62.54 37.50 -16.81
CA LYS C 131 -61.21 36.99 -17.14
C LYS C 131 -61.19 36.54 -18.60
N ALA C 132 -60.01 36.61 -19.21
CA ALA C 132 -59.81 36.15 -20.57
C ALA C 132 -58.41 35.60 -20.72
N THR C 133 -58.28 34.40 -21.26
CA THR C 133 -56.99 33.74 -21.45
C THR C 133 -57.04 32.99 -22.77
N LEU C 134 -56.43 33.56 -23.83
CA LEU C 134 -56.42 32.89 -25.12
C LEU C 134 -55.13 32.08 -25.29
N VAL C 135 -55.27 30.92 -25.91
CA VAL C 135 -54.23 29.89 -25.94
C VAL C 135 -53.84 29.60 -27.38
N CYS C 136 -52.54 29.65 -27.64
CA CYS C 136 -51.97 29.22 -28.92
C CYS C 136 -51.37 27.83 -28.74
N LEU C 137 -51.52 27.00 -29.77
CA LEU C 137 -51.17 25.58 -29.71
C LEU C 137 -50.33 25.23 -30.92
N ILE C 138 -49.09 24.78 -30.69
CA ILE C 138 -48.16 24.41 -31.75
C ILE C 138 -47.96 22.90 -31.68
N SER C 139 -48.10 22.23 -32.82
CA SER C 139 -48.04 20.78 -32.85
C SER C 139 -47.25 20.31 -34.06
N ASP C 140 -46.78 19.07 -33.97
CA ASP C 140 -46.11 18.34 -35.06
C ASP C 140 -45.07 19.20 -35.78
N PHE C 141 -44.04 19.59 -35.03
CA PHE C 141 -42.87 20.26 -35.59
C PHE C 141 -41.59 19.69 -35.03
N TYR C 142 -40.51 19.82 -35.82
CA TYR C 142 -39.18 19.41 -35.41
C TYR C 142 -38.18 20.21 -36.22
N PRO C 143 -37.11 20.73 -35.60
CA PRO C 143 -36.75 20.63 -34.17
C PRO C 143 -37.55 21.59 -33.30
N GLY C 144 -37.46 21.44 -31.98
CA GLY C 144 -38.20 22.28 -31.06
C GLY C 144 -37.59 23.64 -30.82
N ALA C 145 -37.52 24.47 -31.87
CA ALA C 145 -37.01 25.84 -31.77
C ALA C 145 -37.98 26.76 -32.49
N VAL C 146 -38.97 27.26 -31.76
CA VAL C 146 -39.93 28.22 -32.29
C VAL C 146 -39.92 29.48 -31.43
N THR C 147 -40.31 30.59 -32.06
CA THR C 147 -40.57 31.83 -31.37
C THR C 147 -42.05 32.15 -31.52
N VAL C 148 -42.70 32.48 -30.40
CA VAL C 148 -44.12 32.79 -30.37
C VAL C 148 -44.28 34.28 -30.19
N ALA C 149 -44.96 34.92 -31.13
CA ALA C 149 -45.17 36.36 -31.11
C ALA C 149 -46.67 36.66 -31.16
N TRP C 150 -47.09 37.63 -30.36
CA TRP C 150 -48.47 38.09 -30.32
C TRP C 150 -48.52 39.49 -30.92
N LYS C 151 -49.34 39.67 -31.96
CA LYS C 151 -49.41 40.94 -32.68
C LYS C 151 -50.85 41.45 -32.65
N ALA C 152 -51.07 42.55 -31.95
CA ALA C 152 -52.33 43.26 -31.99
C ALA C 152 -52.26 44.25 -33.14
N ASP C 153 -52.81 43.85 -34.29
CA ASP C 153 -52.77 44.66 -35.51
C ASP C 153 -51.34 45.04 -35.88
N GLY C 154 -50.38 44.15 -35.62
CA GLY C 154 -48.99 44.38 -35.89
C GLY C 154 -48.19 44.89 -34.70
N SER C 155 -48.86 45.36 -33.66
CA SER C 155 -48.15 45.84 -32.48
C SER C 155 -47.75 44.66 -31.59
N PRO C 156 -46.47 44.49 -31.27
CA PRO C 156 -46.07 43.39 -30.40
C PRO C 156 -46.70 43.52 -29.02
N VAL C 157 -47.08 42.38 -28.45
CA VAL C 157 -47.69 42.33 -27.13
C VAL C 157 -46.78 41.53 -26.21
N LYS C 158 -46.38 42.14 -25.09
CA LYS C 158 -45.53 41.49 -24.10
C LYS C 158 -46.16 41.42 -22.71
N ALA C 159 -47.37 41.95 -22.53
CA ALA C 159 -48.01 41.93 -21.22
C ALA C 159 -48.79 40.64 -21.05
N GLY C 160 -48.47 39.89 -20.01
CA GLY C 160 -49.17 38.64 -19.75
C GLY C 160 -49.00 37.60 -20.84
N VAL C 161 -47.78 37.41 -21.33
CA VAL C 161 -47.49 36.50 -22.42
C VAL C 161 -46.61 35.38 -21.88
N GLU C 162 -47.02 34.13 -22.09
CA GLU C 162 -46.25 32.98 -21.63
C GLU C 162 -46.02 32.03 -22.80
N THR C 163 -44.77 31.62 -22.98
CA THR C 163 -44.38 30.63 -23.98
C THR C 163 -43.63 29.50 -23.30
N THR C 164 -44.00 28.27 -23.63
CA THR C 164 -43.45 27.09 -22.96
C THR C 164 -42.46 26.36 -23.86
N LYS C 165 -41.51 25.69 -23.21
CA LYS C 165 -40.55 24.84 -23.90
C LYS C 165 -41.31 23.69 -24.54
N PRO C 166 -41.21 23.49 -25.86
CA PRO C 166 -42.00 22.44 -26.52
C PRO C 166 -41.77 21.07 -25.90
N SER C 167 -42.85 20.30 -25.83
CA SER C 167 -42.86 19.03 -25.11
C SER C 167 -42.89 17.87 -26.10
N LYS C 168 -42.03 16.88 -25.85
CA LYS C 168 -42.03 15.67 -26.65
C LYS C 168 -43.20 14.77 -26.26
N GLN C 169 -43.85 14.18 -27.27
CA GLN C 169 -44.86 13.15 -27.03
C GLN C 169 -44.44 11.85 -27.71
N SER C 170 -45.36 10.89 -27.72
CA SER C 170 -45.02 9.51 -28.09
C SER C 170 -44.56 9.36 -29.53
N ASN C 171 -44.86 10.32 -30.40
CA ASN C 171 -44.54 10.22 -31.82
C ASN C 171 -43.19 10.82 -32.18
N ASN C 172 -42.31 11.05 -31.20
CA ASN C 172 -40.95 11.55 -31.43
C ASN C 172 -40.98 12.90 -32.17
N LYS C 173 -41.93 13.74 -31.77
CA LYS C 173 -42.00 15.12 -32.22
C LYS C 173 -42.14 16.00 -30.99
N TYR C 174 -42.08 17.31 -31.19
CA TYR C 174 -42.26 18.26 -30.10
C TYR C 174 -43.59 18.99 -30.29
N ALA C 175 -44.12 19.54 -29.19
CA ALA C 175 -45.34 20.33 -29.22
C ALA C 175 -45.28 21.35 -28.11
N ALA C 176 -45.82 22.54 -28.38
CA ALA C 176 -45.69 23.68 -27.47
C ALA C 176 -47.04 24.37 -27.28
N SER C 177 -47.11 25.15 -26.21
CA SER C 177 -48.29 25.93 -25.86
C SER C 177 -47.88 27.35 -25.54
N SER C 178 -48.81 28.28 -25.74
CA SER C 178 -48.62 29.68 -25.37
C SER C 178 -49.92 30.22 -24.82
N TYR C 179 -49.81 31.17 -23.90
CA TYR C 179 -50.96 31.75 -23.24
C TYR C 179 -50.83 33.27 -23.21
N LEU C 180 -51.96 33.97 -23.36
CA LEU C 180 -51.97 35.41 -23.15
C LEU C 180 -53.30 35.77 -22.51
N SER C 181 -53.22 36.43 -21.35
CA SER C 181 -54.37 36.70 -20.51
C SER C 181 -54.60 38.21 -20.41
N LEU C 182 -55.84 38.63 -20.67
CA LEU C 182 -56.28 40.01 -20.45
C LEU C 182 -57.72 39.98 -19.95
N THR C 183 -58.24 41.16 -19.62
CA THR C 183 -59.64 41.28 -19.27
C THR C 183 -60.50 41.08 -20.52
N PRO C 184 -61.74 40.57 -20.35
CA PRO C 184 -62.62 40.45 -21.52
C PRO C 184 -62.85 41.77 -22.23
N GLU C 185 -62.94 42.86 -21.49
CA GLU C 185 -63.05 44.18 -22.11
C GLU C 185 -61.81 44.51 -22.94
N GLN C 186 -60.63 44.17 -22.41
CA GLN C 186 -59.41 44.37 -23.17
C GLN C 186 -59.38 43.52 -24.44
N TRP C 187 -59.89 42.28 -24.34
CA TRP C 187 -59.98 41.44 -25.52
C TRP C 187 -60.92 42.03 -26.56
N LYS C 188 -62.05 42.58 -26.13
CA LYS C 188 -62.99 43.19 -27.06
C LYS C 188 -62.48 44.51 -27.62
N SER C 189 -61.56 45.17 -26.91
CA SER C 189 -61.07 46.48 -27.35
C SER C 189 -60.21 46.37 -28.61
N HIS C 190 -59.33 45.37 -28.66
CA HIS C 190 -58.40 45.25 -29.78
C HIS C 190 -59.12 44.74 -31.02
N ARG C 191 -58.44 44.87 -32.16
CA ARG C 191 -59.02 44.52 -33.46
C ARG C 191 -58.62 43.13 -33.92
N SER C 192 -57.32 42.87 -34.06
CA SER C 192 -56.84 41.60 -34.60
C SER C 192 -55.65 41.12 -33.77
N TYR C 193 -55.83 40.01 -33.06
CA TYR C 193 -54.75 39.37 -32.33
C TYR C 193 -54.24 38.21 -33.17
N SER C 194 -52.95 38.24 -33.49
CA SER C 194 -52.33 37.25 -34.36
C SER C 194 -51.25 36.51 -33.59
N CYS C 195 -51.32 35.18 -33.61
CA CYS C 195 -50.28 34.32 -33.07
C CYS C 195 -49.36 33.91 -34.22
N GLN C 196 -48.08 34.26 -34.10
CA GLN C 196 -47.08 33.94 -35.11
C GLN C 196 -46.05 32.99 -34.50
N VAL C 197 -45.73 31.93 -35.24
CA VAL C 197 -44.77 30.93 -34.81
C VAL C 197 -43.63 30.89 -35.82
N THR C 198 -42.41 31.03 -35.33
CA THR C 198 -41.20 31.02 -36.15
C THR C 198 -40.43 29.74 -35.90
N HIS C 199 -40.12 29.02 -36.97
CA HIS C 199 -39.46 27.72 -36.87
C HIS C 199 -38.53 27.56 -38.08
N GLU C 200 -37.22 27.73 -37.84
CA GLU C 200 -36.20 27.52 -38.87
C GLU C 200 -36.47 28.39 -40.11
N GLY C 201 -36.87 29.63 -39.87
CA GLY C 201 -37.18 30.54 -40.95
C GLY C 201 -38.60 30.44 -41.50
N SER C 202 -39.39 29.50 -41.00
CA SER C 202 -40.78 29.35 -41.43
C SER C 202 -41.68 30.10 -40.46
N THR C 203 -42.41 31.09 -40.96
CA THR C 203 -43.30 31.90 -40.15
C THR C 203 -44.74 31.51 -40.47
N VAL C 204 -45.45 31.00 -39.46
CA VAL C 204 -46.85 30.61 -39.60
C VAL C 204 -47.66 31.53 -38.71
N GLU C 205 -48.58 32.29 -39.32
CA GLU C 205 -49.35 33.30 -38.63
C GLU C 205 -50.83 32.94 -38.71
N LYS C 206 -51.52 33.03 -37.58
CA LYS C 206 -52.96 32.84 -37.51
C LYS C 206 -53.56 33.96 -36.68
N THR C 207 -54.47 34.72 -37.28
CA THR C 207 -55.06 35.88 -36.61
C THR C 207 -56.53 35.62 -36.31
N VAL C 208 -57.05 36.35 -35.33
CA VAL C 208 -58.44 36.25 -34.92
C VAL C 208 -58.90 37.62 -34.45
N ALA C 209 -60.21 37.87 -34.58
CA ALA C 209 -60.81 39.13 -34.21
C ALA C 209 -62.06 38.87 -33.38
N PRO C 210 -62.36 39.74 -32.41
CA PRO C 210 -63.58 39.57 -31.62
C PRO C 210 -64.86 39.72 -32.43
N THR C 211 -64.79 40.36 -33.60
CA THR C 211 -65.99 40.55 -34.41
C THR C 211 -66.55 39.21 -34.89
N GLU C 212 -65.69 38.31 -35.35
CA GLU C 212 -66.14 37.05 -35.89
C GLU C 212 -66.44 36.04 -34.78
N CYS C 213 -67.17 35.00 -35.15
CA CYS C 213 -67.50 33.92 -34.22
C CYS C 213 -66.31 32.98 -34.07
N SER C 214 -66.34 32.20 -33.00
CA SER C 214 -65.29 31.22 -32.74
C SER C 214 -65.71 29.83 -33.24
N GLU D 1 17.32 -7.98 28.96
CA GLU D 1 17.79 -7.79 27.59
C GLU D 1 18.34 -9.10 27.03
N VAL D 2 19.27 -9.00 26.08
CA VAL D 2 19.89 -10.15 25.46
C VAL D 2 21.35 -10.22 25.88
N GLN D 3 21.78 -11.40 26.32
CA GLN D 3 23.14 -11.56 26.83
C GLN D 3 23.76 -12.83 26.25
N LEU D 4 24.96 -12.68 25.69
CA LEU D 4 25.77 -13.79 25.22
C LEU D 4 27.18 -13.62 25.76
N VAL D 5 27.68 -14.63 26.45
CA VAL D 5 29.00 -14.59 27.06
C VAL D 5 29.82 -15.77 26.55
N GLN D 6 31.14 -15.61 26.61
CA GLN D 6 32.07 -16.58 26.07
C GLN D 6 33.15 -16.90 27.10
N SER D 7 34.02 -17.86 26.76
CA SER D 7 35.07 -18.31 27.64
C SER D 7 36.37 -17.55 27.36
N GLY D 8 37.42 -17.90 28.09
CA GLY D 8 38.68 -17.19 28.00
C GLY D 8 39.54 -17.62 26.83
N ALA D 9 40.64 -16.89 26.65
CA ALA D 9 41.57 -17.17 25.57
C ALA D 9 42.27 -18.51 25.79
N GLU D 10 42.65 -19.15 24.69
CA GLU D 10 43.23 -20.49 24.74
C GLU D 10 44.56 -20.51 24.01
N VAL D 11 45.57 -21.05 24.68
CA VAL D 11 46.88 -21.34 24.09
C VAL D 11 47.12 -22.83 24.22
N LYS D 12 47.40 -23.49 23.09
CA LYS D 12 47.51 -24.94 23.07
C LYS D 12 48.71 -25.34 22.22
N LYS D 13 48.86 -26.64 22.03
CA LYS D 13 49.91 -27.23 21.22
C LYS D 13 49.28 -28.15 20.19
N PRO D 14 49.96 -28.39 19.07
CA PRO D 14 49.39 -29.27 18.04
C PRO D 14 49.17 -30.68 18.58
N GLY D 15 48.08 -31.29 18.13
CA GLY D 15 47.74 -32.64 18.55
C GLY D 15 46.96 -32.75 19.83
N GLU D 16 46.24 -31.71 20.23
CA GLU D 16 45.43 -31.74 21.44
C GLU D 16 43.99 -31.36 21.13
N PRO D 17 43.02 -31.94 21.83
CA PRO D 17 41.62 -31.61 21.58
C PRO D 17 41.20 -30.36 22.35
N LEU D 18 40.09 -29.77 21.90
CA LEU D 18 39.61 -28.52 22.47
C LEU D 18 38.10 -28.43 22.35
N LYS D 19 37.49 -27.76 23.31
CA LYS D 19 36.05 -27.48 23.32
C LYS D 19 35.81 -26.08 23.87
N ILE D 20 34.95 -25.32 23.21
CA ILE D 20 34.61 -23.96 23.62
C ILE D 20 33.12 -23.88 23.89
N SER D 21 32.75 -22.99 24.83
CA SER D 21 31.39 -22.84 25.30
C SER D 21 30.92 -21.40 25.14
N CYS D 22 29.68 -21.23 24.68
CA CYS D 22 29.06 -19.92 24.52
C CYS D 22 27.71 -19.95 25.24
N LYS D 23 27.57 -19.11 26.26
CA LYS D 23 26.39 -19.09 27.11
C LYS D 23 25.43 -18.00 26.69
N ALA D 24 24.14 -18.32 26.66
CA ALA D 24 23.09 -17.40 26.26
C ALA D 24 22.09 -17.24 27.38
N SER D 25 21.57 -16.02 27.53
CA SER D 25 20.55 -15.76 28.54
C SER D 25 19.75 -14.53 28.15
N GLY D 26 18.44 -14.58 28.39
CA GLY D 26 17.58 -13.43 28.18
C GLY D 26 16.43 -13.66 27.23
N TYR D 27 16.13 -14.91 26.91
CA TYR D 27 15.05 -15.25 25.99
C TYR D 27 14.79 -16.75 26.12
N ASN D 28 13.90 -17.26 25.28
CA ASN D 28 13.58 -18.69 25.25
C ASN D 28 14.60 -19.38 24.35
N PHE D 29 15.46 -20.21 24.95
CA PHE D 29 16.57 -20.80 24.21
C PHE D 29 16.12 -21.77 23.13
N ALA D 30 14.94 -22.39 23.31
CA ALA D 30 14.55 -23.49 22.44
C ALA D 30 14.30 -23.03 21.00
N ASN D 31 13.47 -22.00 20.84
CA ASN D 31 12.98 -21.62 19.51
C ASN D 31 13.78 -20.47 18.91
N PHE D 32 15.08 -20.71 18.70
CA PHE D 32 15.94 -19.75 18.04
C PHE D 32 17.19 -20.47 17.54
N TRP D 33 17.94 -19.80 16.68
CA TRP D 33 19.14 -20.34 16.06
C TRP D 33 20.38 -19.66 16.66
N VAL D 34 21.38 -20.46 17.01
CA VAL D 34 22.67 -19.95 17.46
C VAL D 34 23.78 -20.65 16.66
N GLY D 35 24.83 -19.91 16.33
CA GLY D 35 25.85 -20.47 15.47
C GLY D 35 27.21 -19.84 15.70
N TRP D 36 28.20 -20.32 14.95
CA TRP D 36 29.57 -19.87 15.12
C TRP D 36 30.17 -19.30 13.83
N VAL D 37 31.07 -18.35 14.01
CA VAL D 37 31.75 -17.62 12.94
C VAL D 37 33.23 -17.52 13.29
N ARG D 38 34.09 -17.62 12.28
CA ARG D 38 35.54 -17.58 12.48
C ARG D 38 36.16 -16.42 11.72
N GLN D 39 37.05 -15.70 12.39
CA GLN D 39 37.83 -14.62 11.77
C GLN D 39 39.31 -14.96 11.87
N MET D 40 39.96 -15.04 10.72
CA MET D 40 41.39 -15.34 10.64
C MET D 40 42.09 -14.24 9.86
N PRO D 41 43.25 -13.77 10.32
CA PRO D 41 43.96 -12.70 9.61
C PRO D 41 44.60 -13.18 8.32
N GLY D 42 43.85 -13.16 7.21
CA GLY D 42 44.40 -13.60 5.95
C GLY D 42 43.42 -14.24 4.99
N ARG D 43 42.23 -14.62 5.47
CA ARG D 43 41.17 -15.08 4.57
C ARG D 43 39.81 -14.53 4.96
N GLY D 44 39.76 -13.51 5.83
CA GLY D 44 38.53 -12.79 6.11
C GLY D 44 37.58 -13.45 7.08
N LEU D 45 36.28 -13.29 6.83
CA LEU D 45 35.23 -13.75 7.73
C LEU D 45 34.45 -14.86 7.05
N GLU D 46 34.19 -15.96 7.77
CA GLU D 46 33.49 -17.12 7.23
C GLU D 46 32.45 -17.60 8.21
N TRP D 47 31.39 -18.22 7.69
CA TRP D 47 30.40 -18.89 8.50
C TRP D 47 30.77 -20.35 8.67
N MET D 48 30.40 -20.93 9.82
CA MET D 48 30.75 -22.31 10.13
C MET D 48 29.53 -23.19 10.30
N GLY D 49 28.54 -22.78 11.08
CA GLY D 49 27.37 -23.60 11.26
C GLY D 49 26.43 -22.99 12.26
N VAL D 50 25.20 -23.53 12.26
CA VAL D 50 24.11 -23.07 13.12
C VAL D 50 23.42 -24.28 13.72
N ILE D 51 22.73 -24.04 14.85
CA ILE D 51 21.98 -25.06 15.56
C ILE D 51 20.69 -24.44 16.08
N PHE D 52 19.68 -25.29 16.26
CA PHE D 52 18.36 -24.89 16.76
C PHE D 52 18.08 -25.64 18.04
N PRO D 53 18.36 -25.05 19.21
CA PRO D 53 18.31 -25.82 20.46
C PRO D 53 16.91 -26.26 20.88
N ALA D 54 16.17 -26.89 19.97
CA ALA D 54 14.91 -27.54 20.32
C ALA D 54 14.76 -28.93 19.75
N ASP D 55 15.46 -29.27 18.66
CA ASP D 55 15.49 -30.61 18.12
C ASP D 55 16.91 -31.07 17.82
N SER D 56 17.92 -30.24 18.13
CA SER D 56 19.32 -30.55 17.86
C SER D 56 19.55 -30.86 16.38
N ASP D 57 18.90 -30.06 15.53
CA ASP D 57 19.06 -30.19 14.08
C ASP D 57 20.25 -29.35 13.63
N THR D 58 21.04 -29.90 12.71
CA THR D 58 22.31 -29.30 12.33
C THR D 58 22.42 -29.21 10.82
N ARG D 59 23.09 -28.15 10.35
CA ARG D 59 23.42 -28.00 8.94
C ARG D 59 24.73 -27.22 8.86
N TYR D 60 25.84 -27.94 8.76
CA TYR D 60 27.15 -27.31 8.69
C TYR D 60 27.38 -26.67 7.34
N SER D 61 28.40 -25.83 7.28
CA SER D 61 28.91 -25.35 6.00
C SER D 61 29.58 -26.52 5.26
N PRO D 62 29.50 -26.53 3.93
CA PRO D 62 30.19 -27.58 3.17
C PRO D 62 31.67 -27.72 3.50
N SER D 63 32.36 -26.59 3.73
CA SER D 63 33.79 -26.65 3.98
C SER D 63 34.10 -27.25 5.35
N PHE D 64 33.31 -26.91 6.36
CA PHE D 64 33.65 -27.22 7.75
C PHE D 64 33.06 -28.53 8.26
N GLN D 65 32.35 -29.27 7.43
CA GLN D 65 31.81 -30.54 7.89
C GLN D 65 32.92 -31.56 8.13
N GLY D 66 32.83 -32.28 9.24
CA GLY D 66 33.84 -33.26 9.57
C GLY D 66 35.13 -32.69 10.12
N GLN D 67 35.12 -31.44 10.55
CA GLN D 67 36.30 -30.84 11.17
C GLN D 67 35.96 -30.35 12.58
N VAL D 68 34.70 -29.98 12.81
CA VAL D 68 34.22 -29.53 14.11
C VAL D 68 32.92 -30.27 14.42
N ILE D 69 32.46 -30.08 15.65
CA ILE D 69 31.17 -30.61 16.09
C ILE D 69 30.46 -29.54 16.90
N ILE D 70 29.21 -29.24 16.55
CA ILE D 70 28.40 -28.23 17.23
C ILE D 70 27.29 -28.93 18.00
N SER D 71 27.14 -28.58 19.28
CA SER D 71 26.16 -29.20 20.14
C SER D 71 25.49 -28.13 20.99
N ALA D 72 24.33 -28.47 21.54
CA ALA D 72 23.57 -27.54 22.37
C ALA D 72 23.14 -28.24 23.65
N ASP D 73 23.12 -27.49 24.74
CA ASP D 73 22.66 -27.97 26.04
C ASP D 73 21.49 -27.09 26.46
N LYS D 74 20.29 -27.68 26.45
CA LYS D 74 19.06 -26.97 26.78
C LYS D 74 18.89 -26.76 28.27
N SER D 75 19.55 -27.56 29.10
CA SER D 75 19.42 -27.40 30.55
C SER D 75 20.04 -26.09 31.01
N THR D 76 21.35 -25.92 30.78
CA THR D 76 22.06 -24.72 31.17
C THR D 76 22.12 -23.68 30.06
N ASN D 77 21.50 -23.95 28.92
CA ASN D 77 21.40 -23.00 27.80
C ASN D 77 22.78 -22.58 27.32
N THR D 78 23.52 -23.56 26.78
CA THR D 78 24.87 -23.30 26.33
C THR D 78 25.15 -24.02 25.01
N ALA D 79 25.87 -23.36 24.12
CA ALA D 79 26.32 -23.98 22.88
C ALA D 79 27.78 -24.38 23.00
N TYR D 80 28.14 -25.50 22.37
CA TYR D 80 29.48 -26.07 22.47
C TYR D 80 30.04 -26.33 21.08
N LEU D 81 31.32 -25.99 20.91
CA LEU D 81 32.08 -26.31 19.71
C LEU D 81 33.23 -27.24 20.09
N GLN D 82 33.42 -28.30 19.31
CA GLN D 82 34.43 -29.31 19.59
C GLN D 82 35.34 -29.50 18.39
N TRP D 83 36.64 -29.60 18.64
CA TRP D 83 37.62 -29.94 17.61
C TRP D 83 38.00 -31.42 17.73
N SER D 84 38.84 -31.88 16.82
CA SER D 84 39.35 -33.24 16.81
C SER D 84 40.84 -33.30 17.09
N SER D 85 41.65 -32.59 16.33
CA SER D 85 43.09 -32.49 16.58
C SER D 85 43.53 -31.13 16.07
N LEU D 86 43.87 -30.23 16.99
CA LEU D 86 44.21 -28.85 16.65
C LEU D 86 45.40 -28.79 15.71
N LYS D 87 45.16 -28.36 14.47
CA LYS D 87 46.24 -28.13 13.52
C LYS D 87 46.77 -26.72 13.66
N ALA D 88 47.94 -26.47 13.05
CA ALA D 88 48.59 -25.18 13.17
C ALA D 88 47.86 -24.08 12.42
N SER D 89 46.88 -24.41 11.60
CA SER D 89 46.12 -23.43 10.84
C SER D 89 44.81 -23.06 11.51
N ASP D 90 44.61 -23.44 12.77
CA ASP D 90 43.38 -23.17 13.50
C ASP D 90 43.59 -22.17 14.62
N SER D 91 44.44 -21.18 14.40
CA SER D 91 44.69 -20.11 15.37
C SER D 91 44.05 -18.84 14.86
N ALA D 92 42.98 -18.40 15.53
CA ALA D 92 42.16 -17.30 15.03
C ALA D 92 41.20 -16.86 16.14
N MET D 93 40.27 -15.97 15.80
CA MET D 93 39.23 -15.54 16.72
C MET D 93 37.90 -16.17 16.32
N TYR D 94 37.08 -16.47 17.32
CA TYR D 94 35.83 -17.18 17.11
C TYR D 94 34.70 -16.46 17.83
N TYR D 95 33.53 -16.43 17.19
CA TYR D 95 32.36 -15.71 17.69
C TYR D 95 31.15 -16.62 17.66
N CYS D 96 30.25 -16.43 18.64
CA CYS D 96 28.96 -17.10 18.68
C CYS D 96 27.86 -16.06 18.54
N ALA D 97 26.92 -16.31 17.64
CA ALA D 97 25.92 -15.33 17.25
C ALA D 97 24.53 -15.93 17.24
N ARG D 98 23.55 -15.13 17.66
CA ARG D 98 22.14 -15.50 17.59
C ARG D 98 21.44 -14.64 16.54
N HIS D 99 20.58 -15.28 15.76
CA HIS D 99 19.92 -14.63 14.64
C HIS D 99 18.99 -13.51 15.12
N VAL D 100 18.80 -12.52 14.25
CA VAL D 100 18.00 -11.36 14.62
C VAL D 100 16.53 -11.73 14.81
N ARG D 101 16.04 -12.66 13.99
CA ARG D 101 14.65 -13.10 14.12
C ARG D 101 14.57 -14.62 14.20
N GLY D 102 13.36 -15.15 14.19
CA GLY D 102 13.16 -16.57 14.35
C GLY D 102 13.31 -17.41 13.10
N SER D 103 13.63 -16.78 11.97
CA SER D 103 13.73 -17.51 10.71
C SER D 103 15.13 -18.06 10.50
N LEU D 104 15.22 -19.00 9.56
CA LEU D 104 16.53 -19.55 9.17
C LEU D 104 17.30 -18.57 8.31
N TRP D 105 16.60 -17.75 7.53
CA TRP D 105 17.23 -16.82 6.59
C TRP D 105 17.27 -15.44 7.23
N GLY D 106 18.29 -15.23 8.06
CA GLY D 106 18.48 -13.95 8.71
C GLY D 106 19.94 -13.75 9.06
N GLY D 107 20.29 -12.49 9.31
CA GLY D 107 21.66 -12.15 9.65
C GLY D 107 21.95 -12.35 11.12
N GLY D 108 23.17 -11.99 11.49
CA GLY D 108 23.60 -12.14 12.87
C GLY D 108 23.07 -11.05 13.77
N GLY D 109 22.11 -11.39 14.60
CA GLY D 109 21.46 -10.41 15.45
C GLY D 109 22.31 -9.94 16.61
N TYR D 110 22.62 -10.86 17.52
CA TYR D 110 23.40 -10.53 18.71
C TYR D 110 24.67 -11.37 18.74
N TRP D 111 25.78 -10.73 19.10
CA TRP D 111 27.10 -11.35 19.08
C TRP D 111 27.68 -11.40 20.49
N GLY D 112 28.78 -12.14 20.61
CA GLY D 112 29.53 -12.26 21.84
C GLY D 112 30.72 -11.33 21.89
N GLN D 113 31.79 -11.78 22.55
CA GLN D 113 33.02 -11.00 22.65
C GLN D 113 34.20 -11.64 21.95
N GLY D 114 34.21 -12.94 21.76
CA GLY D 114 35.24 -13.58 20.96
C GLY D 114 36.20 -14.41 21.79
N THR D 115 36.64 -15.53 21.23
CA THR D 115 37.63 -16.40 21.82
C THR D 115 38.84 -16.46 20.90
N LEU D 116 40.03 -16.22 21.46
CA LEU D 116 41.26 -16.26 20.69
C LEU D 116 41.97 -17.58 20.95
N VAL D 117 42.18 -18.36 19.88
CA VAL D 117 42.82 -19.66 19.97
C VAL D 117 44.16 -19.57 19.27
N THR D 118 45.23 -19.88 20.01
CA THR D 118 46.60 -19.81 19.49
C THR D 118 47.30 -21.14 19.71
N VAL D 119 47.88 -21.67 18.62
CA VAL D 119 48.61 -22.93 18.66
C VAL D 119 49.98 -22.70 18.06
N SER D 120 51.02 -23.12 18.78
CA SER D 120 52.39 -23.01 18.29
C SER D 120 53.23 -24.06 19.00
N SER D 121 54.37 -24.39 18.38
CA SER D 121 55.24 -25.43 18.91
C SER D 121 56.21 -24.93 19.97
N ALA D 122 56.34 -23.62 20.14
CA ALA D 122 57.30 -23.09 21.10
C ALA D 122 56.71 -23.12 22.51
N SER D 123 57.58 -22.84 23.49
CA SER D 123 57.22 -22.79 24.89
C SER D 123 57.28 -21.36 25.40
N THR D 124 56.94 -21.18 26.67
CA THR D 124 56.92 -19.85 27.26
C THR D 124 58.34 -19.35 27.45
N LYS D 125 58.58 -18.09 27.07
CA LYS D 125 59.89 -17.46 27.19
C LYS D 125 59.72 -16.04 27.69
N GLY D 126 60.85 -15.41 28.03
CA GLY D 126 60.84 -14.06 28.53
C GLY D 126 61.49 -13.09 27.57
N PRO D 127 61.03 -11.84 27.57
CA PRO D 127 61.52 -10.85 26.62
C PRO D 127 62.89 -10.31 27.00
N SER D 128 63.58 -9.77 26.00
CA SER D 128 64.84 -9.07 26.18
C SER D 128 64.70 -7.66 25.63
N VAL D 129 65.25 -6.69 26.34
CA VAL D 129 65.09 -5.28 25.99
C VAL D 129 66.43 -4.71 25.57
N PHE D 130 66.37 -3.81 24.59
CA PHE D 130 67.57 -3.14 24.07
C PHE D 130 67.26 -1.68 23.81
N PRO D 131 68.26 -0.80 23.93
CA PRO D 131 68.01 0.64 23.74
C PRO D 131 68.20 1.10 22.31
N LEU D 132 67.17 1.72 21.73
CA LEU D 132 67.31 2.48 20.50
C LEU D 132 67.75 3.88 20.92
N ALA D 133 69.05 4.10 20.92
CA ALA D 133 69.72 5.22 21.56
C ALA D 133 69.55 6.50 20.76
N PRO D 134 69.36 7.64 21.43
CA PRO D 134 69.38 8.92 20.73
C PRO D 134 70.79 9.29 20.29
N SER D 135 70.86 10.12 19.24
CA SER D 135 72.14 10.55 18.72
C SER D 135 71.94 11.84 17.93
N SER D 136 73.06 12.44 17.53
CA SER D 136 72.99 13.61 16.66
C SER D 136 72.42 13.23 15.29
N LYS D 137 72.72 12.03 14.81
CA LYS D 137 72.13 11.53 13.58
C LYS D 137 70.64 11.24 13.71
N SER D 138 70.12 11.22 14.93
CA SER D 138 68.69 10.98 15.19
C SER D 138 67.95 12.29 15.44
N THR D 139 68.33 13.35 14.75
CA THR D 139 67.74 14.67 14.93
C THR D 139 66.91 15.05 13.71
N SER D 140 65.78 15.71 13.95
CA SER D 140 64.93 16.21 12.87
C SER D 140 64.29 17.50 13.36
N GLY D 141 64.89 18.63 13.00
CA GLY D 141 64.41 19.92 13.46
C GLY D 141 64.57 20.15 14.94
N GLY D 142 65.70 19.74 15.52
CA GLY D 142 65.96 19.94 16.93
C GLY D 142 65.28 18.98 17.87
N THR D 143 64.58 17.98 17.35
CA THR D 143 63.89 16.99 18.16
C THR D 143 64.53 15.62 17.94
N ALA D 144 64.83 14.91 19.02
CA ALA D 144 65.50 13.63 18.95
C ALA D 144 64.60 12.54 19.52
N ALA D 145 64.57 11.39 18.85
CA ALA D 145 63.73 10.28 19.28
C ALA D 145 64.58 9.20 19.93
N LEU D 146 63.97 8.48 20.87
CA LEU D 146 64.64 7.37 21.53
C LEU D 146 63.59 6.32 21.86
N GLY D 147 64.05 5.07 22.01
CA GLY D 147 63.07 4.02 22.19
C GLY D 147 63.63 2.77 22.84
N CYS D 148 62.73 1.82 23.04
CA CYS D 148 63.04 0.50 23.59
C CYS D 148 62.56 -0.57 22.64
N LEU D 149 63.41 -1.58 22.42
CA LEU D 149 63.11 -2.71 21.56
C LEU D 149 62.95 -3.94 22.43
N VAL D 150 61.78 -4.58 22.35
CA VAL D 150 61.47 -5.79 23.10
C VAL D 150 61.44 -6.95 22.12
N LYS D 151 62.25 -7.96 22.38
CA LYS D 151 62.45 -9.06 21.44
C LYS D 151 62.33 -10.40 22.14
N ASP D 152 61.93 -11.42 21.38
CA ASP D 152 62.01 -12.81 21.79
C ASP D 152 61.15 -13.08 23.05
N TYR D 153 59.85 -12.92 22.88
CA TYR D 153 58.90 -13.24 23.94
C TYR D 153 57.77 -14.10 23.39
N PHE D 154 57.10 -14.79 24.31
CA PHE D 154 55.96 -15.66 24.00
C PHE D 154 55.22 -16.00 25.28
N PRO D 155 53.89 -15.91 25.30
CA PRO D 155 52.98 -15.48 24.23
C PRO D 155 52.52 -14.03 24.40
N GLU D 156 51.55 -13.62 23.57
CA GLU D 156 50.98 -12.30 23.70
C GLU D 156 50.12 -12.21 24.97
N PRO D 157 49.95 -11.00 25.51
CA PRO D 157 50.49 -9.71 25.10
C PRO D 157 51.62 -9.21 26.00
N VAL D 158 52.15 -8.04 25.70
CA VAL D 158 53.23 -7.44 26.48
C VAL D 158 52.92 -5.96 26.66
N THR D 159 53.06 -5.47 27.89
CA THR D 159 52.75 -4.08 28.20
C THR D 159 54.02 -3.27 28.30
N VAL D 160 54.00 -2.06 27.71
CA VAL D 160 55.16 -1.18 27.70
C VAL D 160 54.72 0.19 28.23
N SER D 161 55.50 0.73 29.17
CA SER D 161 55.23 2.04 29.73
C SER D 161 56.51 2.85 29.76
N TRP D 162 56.36 4.19 29.74
CA TRP D 162 57.49 5.10 29.62
C TRP D 162 57.51 6.04 30.82
N ASN D 163 58.59 5.97 31.60
CA ASN D 163 58.87 6.90 32.70
C ASN D 163 57.70 6.97 33.70
N SER D 164 57.18 5.80 34.06
CA SER D 164 56.15 5.60 35.08
C SER D 164 54.82 6.23 34.72
N GLY D 165 54.68 6.85 33.55
CA GLY D 165 53.43 7.44 33.12
C GLY D 165 53.45 8.95 32.99
N ALA D 166 54.58 9.61 33.29
CA ALA D 166 54.64 11.06 33.15
C ALA D 166 54.78 11.48 31.70
N LEU D 167 55.49 10.69 30.89
CA LEU D 167 55.75 11.03 29.49
C LEU D 167 54.83 10.28 28.53
N THR D 168 53.56 10.07 28.92
CA THR D 168 52.63 9.35 28.06
C THR D 168 52.33 10.10 26.76
N SER D 169 52.62 11.39 26.70
CA SER D 169 52.36 12.17 25.50
C SER D 169 53.48 11.97 24.49
N GLY D 170 53.10 11.79 23.22
CA GLY D 170 54.07 11.63 22.16
C GLY D 170 54.63 10.23 22.00
N VAL D 171 54.09 9.25 22.71
CA VAL D 171 54.59 7.89 22.65
C VAL D 171 54.02 7.20 21.41
N HIS D 172 54.74 6.18 20.93
CA HIS D 172 54.24 5.37 19.83
C HIS D 172 54.72 3.94 20.02
N THR D 173 53.76 3.00 20.06
CA THR D 173 54.04 1.58 20.27
C THR D 173 53.40 0.81 19.13
N PHE D 174 54.22 0.27 18.22
CA PHE D 174 53.74 -0.46 17.07
C PHE D 174 53.26 -1.86 17.46
N PRO D 175 52.46 -2.50 16.59
CA PRO D 175 52.00 -3.86 16.90
C PRO D 175 53.12 -4.89 16.86
N ALA D 176 52.78 -6.15 17.12
CA ALA D 176 53.75 -7.23 17.18
C ALA D 176 53.74 -8.04 15.89
N VAL D 177 54.91 -8.51 15.49
CA VAL D 177 55.08 -9.32 14.29
C VAL D 177 55.71 -10.65 14.68
N LEU D 178 55.14 -11.74 14.18
CA LEU D 178 55.66 -13.08 14.44
C LEU D 178 56.82 -13.36 13.50
N GLN D 179 58.00 -13.62 14.07
CA GLN D 179 59.17 -13.91 13.26
C GLN D 179 59.21 -15.39 12.90
N SER D 180 60.19 -15.77 12.08
CA SER D 180 60.31 -17.15 11.64
C SER D 180 60.59 -18.09 12.80
N SER D 181 61.44 -17.65 13.75
CA SER D 181 61.83 -18.49 14.87
C SER D 181 60.66 -18.79 15.81
N GLY D 182 59.56 -18.06 15.72
CA GLY D 182 58.42 -18.28 16.59
C GLY D 182 58.32 -17.37 17.79
N LEU D 183 59.02 -16.24 17.78
CA LEU D 183 58.96 -15.27 18.86
C LEU D 183 58.63 -13.90 18.29
N TYR D 184 58.08 -13.04 19.14
CA TYR D 184 57.60 -11.72 18.72
C TYR D 184 58.62 -10.64 19.04
N SER D 185 58.51 -9.54 18.32
CA SER D 185 59.38 -8.38 18.52
C SER D 185 58.59 -7.11 18.25
N LEU D 186 58.85 -6.07 19.03
CA LEU D 186 58.17 -4.80 18.88
C LEU D 186 59.06 -3.69 19.41
N SER D 187 58.69 -2.45 19.06
CA SER D 187 59.46 -1.27 19.43
C SER D 187 58.53 -0.20 19.96
N SER D 188 59.08 0.65 20.83
CA SER D 188 58.35 1.81 21.35
C SER D 188 59.27 3.02 21.30
N VAL D 189 58.74 4.15 20.84
CA VAL D 189 59.55 5.33 20.58
C VAL D 189 58.84 6.57 21.08
N VAL D 190 59.61 7.50 21.65
CA VAL D 190 59.11 8.81 22.02
C VAL D 190 60.14 9.87 21.62
N THR D 191 59.67 11.09 21.41
CA THR D 191 60.49 12.19 20.94
C THR D 191 60.62 13.26 22.03
N VAL D 192 61.82 13.83 22.15
CA VAL D 192 62.08 14.86 23.15
C VAL D 192 62.90 15.97 22.52
N PRO D 193 62.75 17.19 23.03
CA PRO D 193 63.56 18.30 22.56
C PRO D 193 65.03 18.11 22.92
N SER D 194 65.91 18.63 22.07
CA SER D 194 67.34 18.49 22.26
C SER D 194 67.86 19.27 23.47
N SER D 195 67.06 20.18 24.03
CA SER D 195 67.49 20.95 25.17
C SER D 195 67.49 20.15 26.47
N SER D 196 66.94 18.94 26.48
CA SER D 196 66.85 18.12 27.68
C SER D 196 67.37 16.71 27.42
N LEU D 197 68.47 16.61 26.65
CA LEU D 197 69.03 15.31 26.33
C LEU D 197 69.57 14.61 27.58
N GLY D 198 70.27 15.34 28.44
CA GLY D 198 70.91 14.74 29.60
C GLY D 198 70.25 15.03 30.93
N THR D 199 69.22 15.89 30.92
CA THR D 199 68.57 16.27 32.17
C THR D 199 67.59 15.19 32.63
N GLN D 200 66.57 14.91 31.83
CA GLN D 200 65.57 13.93 32.20
C GLN D 200 66.13 12.51 32.12
N THR D 201 65.69 11.66 33.04
CA THR D 201 66.05 10.26 33.05
C THR D 201 64.92 9.46 32.42
N TYR D 202 65.26 8.61 31.44
CA TYR D 202 64.28 7.84 30.68
C TYR D 202 64.48 6.37 31.00
N ILE D 203 63.50 5.78 31.67
CA ILE D 203 63.54 4.38 32.06
C ILE D 203 62.24 3.75 31.59
N CYS D 204 62.32 2.88 30.57
CA CYS D 204 61.15 2.22 30.02
C CYS D 204 60.91 0.90 30.73
N ASN D 205 59.64 0.62 31.04
CA ASN D 205 59.24 -0.54 31.81
C ASN D 205 58.44 -1.49 30.92
N VAL D 206 58.76 -2.77 31.00
CA VAL D 206 58.10 -3.81 30.22
C VAL D 206 57.57 -4.86 31.18
N ASN D 207 56.30 -5.22 31.01
CA ASN D 207 55.63 -6.21 31.83
C ASN D 207 55.10 -7.34 30.95
N HIS D 208 55.32 -8.58 31.41
CA HIS D 208 54.94 -9.78 30.68
C HIS D 208 54.32 -10.74 31.68
N LYS D 209 53.02 -11.03 31.54
CA LYS D 209 52.28 -11.79 32.53
C LYS D 209 52.56 -13.29 32.48
N PRO D 210 52.41 -13.97 31.33
CA PRO D 210 52.64 -15.42 31.32
C PRO D 210 54.06 -15.80 31.73
N SER D 211 55.06 -15.00 31.36
CA SER D 211 56.43 -15.25 31.77
C SER D 211 56.80 -14.61 33.09
N ASN D 212 55.91 -13.78 33.65
CA ASN D 212 56.11 -13.11 34.94
C ASN D 212 57.44 -12.36 34.96
N THR D 213 57.54 -11.36 34.07
CA THR D 213 58.75 -10.57 33.90
C THR D 213 58.42 -9.10 33.98
N LYS D 214 59.17 -8.37 34.80
CA LYS D 214 59.05 -6.91 34.91
C LYS D 214 60.45 -6.33 34.81
N VAL D 215 60.74 -5.66 33.69
CA VAL D 215 62.09 -5.20 33.39
C VAL D 215 62.07 -3.71 33.11
N ASP D 216 62.93 -2.96 33.80
CA ASP D 216 63.11 -1.54 33.55
C ASP D 216 64.50 -1.31 32.97
N LYS D 217 64.56 -0.59 31.86
CA LYS D 217 65.82 -0.35 31.17
C LYS D 217 65.98 1.14 30.86
N LYS D 218 67.23 1.59 30.90
CA LYS D 218 67.54 3.01 30.76
C LYS D 218 67.90 3.34 29.31
N VAL D 219 67.37 4.45 28.82
CA VAL D 219 67.72 4.98 27.51
C VAL D 219 68.51 6.26 27.74
N GLU D 220 69.77 6.26 27.32
CA GLU D 220 70.70 7.33 27.63
C GLU D 220 71.59 7.58 26.42
N PRO D 221 72.23 8.75 26.34
CA PRO D 221 73.13 9.00 25.22
C PRO D 221 74.26 7.98 25.15
N LYS D 222 74.67 7.66 23.92
CA LYS D 222 75.74 6.71 23.68
C LYS D 222 77.07 7.47 23.70
N SER D 223 77.80 7.32 24.80
CA SER D 223 79.08 8.01 24.95
C SER D 223 80.11 7.45 23.98
N CYS D 224 80.85 8.34 23.33
CA CYS D 224 81.90 7.95 22.40
C CYS D 224 83.22 7.80 23.13
N ASP D 225 83.25 6.79 24.01
CA ASP D 225 84.44 6.51 24.80
C ASP D 225 85.48 5.72 24.01
N GLU E 1 29.95 -21.72 -5.69
CA GLU E 1 30.17 -20.83 -4.56
C GLU E 1 30.00 -19.38 -4.96
N ILE E 2 29.03 -18.70 -4.33
CA ILE E 2 28.77 -17.30 -4.64
C ILE E 2 29.95 -16.45 -4.18
N VAL E 3 30.43 -15.60 -5.08
CA VAL E 3 31.53 -14.69 -4.77
C VAL E 3 30.99 -13.27 -4.74
N MET E 4 31.65 -12.42 -3.96
CA MET E 4 31.24 -11.04 -3.82
C MET E 4 32.44 -10.11 -3.93
N THR E 5 32.18 -8.91 -4.44
CA THR E 5 33.17 -7.86 -4.58
C THR E 5 32.68 -6.62 -3.84
N GLN E 6 33.57 -5.98 -3.10
CA GLN E 6 33.27 -4.75 -2.37
C GLN E 6 33.96 -3.59 -3.06
N SER E 7 33.21 -2.51 -3.30
CA SER E 7 33.78 -1.38 -4.01
C SER E 7 33.44 -0.06 -3.33
N PRO E 8 34.42 0.84 -3.24
CA PRO E 8 35.83 0.64 -3.61
C PRO E 8 36.66 0.17 -2.42
N SER E 9 37.95 -0.07 -2.61
CA SER E 9 38.77 -0.67 -1.57
C SER E 9 39.14 0.29 -0.46
N THR E 10 39.03 1.60 -0.68
CA THR E 10 39.42 2.57 0.34
C THR E 10 38.64 3.86 0.12
N LEU E 11 38.16 4.45 1.21
CA LEU E 11 37.50 5.75 1.18
C LEU E 11 38.29 6.76 2.00
N SER E 12 38.18 8.02 1.59
CA SER E 12 38.75 9.15 2.31
C SER E 12 37.71 10.27 2.28
N VAL E 13 36.86 10.31 3.28
CA VAL E 13 35.72 11.22 3.34
C VAL E 13 35.92 12.17 4.51
N SER E 14 35.87 13.47 4.23
CA SER E 14 36.01 14.48 5.27
C SER E 14 34.75 14.52 6.13
N PRO E 15 34.85 15.06 7.35
CA PRO E 15 33.66 15.19 8.19
C PRO E 15 32.61 16.07 7.53
N GLY E 16 31.34 15.70 7.72
CA GLY E 16 30.25 16.43 7.12
C GLY E 16 29.75 15.82 5.82
N GLU E 17 30.68 15.33 5.00
CA GLU E 17 30.32 14.74 3.72
C GLU E 17 29.65 13.38 3.92
N GLY E 18 29.33 12.73 2.81
CA GLY E 18 28.70 11.42 2.84
C GLY E 18 29.50 10.41 2.04
N ALA E 19 29.01 9.18 2.06
CA ALA E 19 29.71 8.08 1.40
C ALA E 19 28.71 7.12 0.78
N THR E 20 29.17 6.41 -0.25
CA THR E 20 28.37 5.41 -0.95
C THR E 20 29.24 4.17 -1.15
N LEU E 21 28.78 3.04 -0.62
CA LEU E 21 29.49 1.77 -0.72
C LEU E 21 28.69 0.81 -1.58
N SER E 22 29.36 0.08 -2.47
CA SER E 22 28.71 -0.83 -3.40
C SER E 22 29.13 -2.26 -3.12
N CYS E 23 28.16 -3.16 -3.07
CA CYS E 23 28.40 -4.58 -2.91
C CYS E 23 27.86 -5.31 -4.13
N ARG E 24 28.71 -6.10 -4.77
CA ARG E 24 28.40 -6.75 -6.04
C ARG E 24 28.43 -8.26 -5.85
N ALA E 25 27.34 -8.93 -6.22
CA ALA E 25 27.22 -10.36 -6.10
C ALA E 25 27.47 -11.02 -7.46
N SER E 26 27.51 -12.35 -7.46
CA SER E 26 27.75 -13.12 -8.67
C SER E 26 26.45 -13.65 -9.26
N GLN E 27 25.67 -14.40 -8.49
CA GLN E 27 24.34 -14.82 -8.89
C GLN E 27 23.29 -13.98 -8.17
N SER E 28 22.04 -14.17 -8.58
CA SER E 28 20.94 -13.47 -7.93
C SER E 28 20.75 -13.98 -6.50
N VAL E 29 20.43 -13.06 -5.60
CA VAL E 29 20.30 -13.40 -4.18
C VAL E 29 19.00 -12.85 -3.63
N ASN E 30 18.16 -12.29 -4.50
CA ASN E 30 16.85 -11.72 -4.14
C ASN E 30 17.10 -10.62 -3.10
N ASN E 31 16.38 -10.59 -1.98
CA ASN E 31 16.51 -9.54 -0.98
C ASN E 31 17.27 -10.00 0.26
N ASP E 32 18.07 -11.06 0.15
CA ASP E 32 18.76 -11.62 1.31
C ASP E 32 20.21 -11.12 1.37
N LEU E 33 20.33 -9.86 1.77
CA LEU E 33 21.63 -9.22 1.99
C LEU E 33 21.62 -8.53 3.35
N ALA E 34 22.79 -8.55 4.00
CA ALA E 34 22.96 -7.91 5.30
C ALA E 34 24.25 -7.11 5.31
N TRP E 35 24.22 -5.99 6.03
CA TRP E 35 25.35 -5.08 6.15
C TRP E 35 25.75 -4.95 7.61
N TYR E 36 27.04 -5.19 7.88
CA TYR E 36 27.64 -5.13 9.21
C TYR E 36 28.72 -4.06 9.28
N GLN E 37 28.95 -3.55 10.49
CA GLN E 37 30.02 -2.59 10.76
C GLN E 37 30.94 -3.14 11.85
N GLN E 38 32.24 -3.01 11.64
CA GLN E 38 33.24 -3.49 12.59
C GLN E 38 34.30 -2.43 12.84
N LYS E 39 34.62 -2.22 14.11
CA LYS E 39 35.63 -1.30 14.59
C LYS E 39 36.86 -2.05 15.07
N PRO E 40 37.97 -1.36 15.32
CA PRO E 40 39.17 -2.03 15.85
C PRO E 40 38.90 -2.74 17.18
N GLY E 41 39.07 -4.06 17.16
CA GLY E 41 38.97 -4.87 18.36
C GLY E 41 37.61 -4.91 19.03
N GLN E 42 36.56 -5.12 18.25
CA GLN E 42 35.21 -5.24 18.80
C GLN E 42 34.40 -6.18 17.91
N ALA E 43 33.33 -6.71 18.48
CA ALA E 43 32.48 -7.64 17.75
C ALA E 43 31.67 -6.89 16.69
N PRO E 44 31.46 -7.50 15.52
CA PRO E 44 30.65 -6.84 14.49
C PRO E 44 29.21 -6.67 14.95
N ARG E 45 28.58 -5.61 14.45
CA ARG E 45 27.20 -5.29 14.78
C ARG E 45 26.36 -5.21 13.52
N LEU E 46 25.08 -5.53 13.67
CA LEU E 46 24.17 -5.60 12.53
C LEU E 46 23.63 -4.22 12.21
N LEU E 47 23.81 -3.80 10.95
CA LEU E 47 23.30 -2.51 10.49
C LEU E 47 22.05 -2.67 9.64
N ILE E 48 22.10 -3.49 8.60
CA ILE E 48 20.99 -3.62 7.67
C ILE E 48 20.69 -5.11 7.47
N ASN E 49 19.40 -5.46 7.52
CA ASN E 49 18.93 -6.82 7.28
C ASN E 49 17.84 -6.79 6.22
N GLY E 50 17.88 -7.76 5.32
CA GLY E 50 16.91 -7.85 4.25
C GLY E 50 17.10 -6.87 3.13
N ALA E 51 18.22 -6.14 3.09
CA ALA E 51 18.60 -5.15 2.10
C ALA E 51 17.75 -3.88 2.17
N SER E 52 16.70 -3.83 2.97
CA SER E 52 15.89 -2.62 3.10
C SER E 52 15.55 -2.24 4.53
N THR E 53 15.57 -3.16 5.48
CA THR E 53 15.14 -2.88 6.84
C THR E 53 16.30 -2.35 7.68
N ARG E 54 15.95 -1.60 8.72
CA ARG E 54 16.91 -1.10 9.69
C ARG E 54 16.73 -1.82 11.01
N ALA E 55 17.82 -2.30 11.58
CA ALA E 55 17.75 -2.96 12.87
C ALA E 55 17.42 -1.96 13.98
N THR E 56 17.03 -2.50 15.14
CA THR E 56 16.64 -1.65 16.26
C THR E 56 17.83 -0.81 16.73
N GLY E 57 17.59 0.48 16.91
CA GLY E 57 18.62 1.39 17.41
C GLY E 57 19.58 1.91 16.37
N ILE E 58 19.35 1.63 15.09
CA ILE E 58 20.24 2.07 14.03
C ILE E 58 19.83 3.46 13.55
N PRO E 59 20.75 4.41 13.48
CA PRO E 59 20.40 5.76 13.02
C PRO E 59 19.95 5.76 11.57
N ALA E 60 19.13 6.77 11.24
CA ALA E 60 18.53 6.86 9.91
C ALA E 60 19.53 7.23 8.83
N ARG E 61 20.75 7.63 9.18
CA ARG E 61 21.74 8.03 8.18
C ARG E 61 22.15 6.89 7.26
N PHE E 62 21.93 5.64 7.66
CA PHE E 62 22.27 4.49 6.84
C PHE E 62 21.06 4.11 6.01
N THR E 63 21.16 4.23 4.69
CA THR E 63 20.08 3.82 3.79
C THR E 63 20.59 2.74 2.86
N GLY E 64 19.91 1.60 2.85
CA GLY E 64 20.32 0.49 2.01
C GLY E 64 19.34 0.21 0.89
N SER E 65 19.83 0.19 -0.35
CA SER E 65 18.99 -0.02 -1.52
C SER E 65 19.66 -1.00 -2.45
N GLY E 66 18.97 -1.35 -3.53
CA GLY E 66 19.45 -2.31 -4.50
C GLY E 66 18.70 -3.62 -4.41
N SER E 67 19.01 -4.49 -5.37
CA SER E 67 18.30 -5.77 -5.49
C SER E 67 19.06 -6.63 -6.49
N GLY E 68 18.48 -7.76 -6.84
CA GLY E 68 19.05 -8.66 -7.82
C GLY E 68 20.44 -9.12 -7.44
N THR E 69 21.46 -8.58 -8.12
CA THR E 69 22.84 -8.91 -7.84
C THR E 69 23.66 -7.71 -7.40
N GLU E 70 23.07 -6.53 -7.26
CA GLU E 70 23.82 -5.32 -6.92
C GLU E 70 23.13 -4.57 -5.80
N PHE E 71 23.90 -4.15 -4.80
CA PHE E 71 23.35 -3.46 -3.65
C PHE E 71 24.25 -2.28 -3.30
N THR E 72 23.65 -1.29 -2.63
CA THR E 72 24.35 -0.06 -2.29
C THR E 72 23.91 0.41 -0.91
N LEU E 73 24.85 0.95 -0.14
CA LEU E 73 24.55 1.55 1.16
C LEU E 73 25.09 2.97 1.15
N THR E 74 24.25 3.92 1.57
CA THR E 74 24.58 5.34 1.52
C THR E 74 24.49 5.95 2.91
N ILE E 75 25.47 6.77 3.25
CA ILE E 75 25.51 7.50 4.51
C ILE E 75 25.58 8.98 4.19
N SER E 76 24.69 9.77 4.80
CA SER E 76 24.60 11.19 4.50
C SER E 76 25.63 12.00 5.29
N SER E 77 25.57 11.96 6.61
CA SER E 77 26.46 12.70 7.48
C SER E 77 27.36 11.73 8.23
N LEU E 78 28.66 11.98 8.20
CA LEU E 78 29.65 11.14 8.87
C LEU E 78 30.03 11.79 10.20
N GLN E 79 29.56 11.19 11.29
CA GLN E 79 30.00 11.59 12.62
C GLN E 79 31.43 11.08 12.85
N PRO E 80 32.15 11.66 13.82
CA PRO E 80 33.52 11.21 14.08
C PRO E 80 33.64 9.76 14.51
N GLU E 81 32.53 9.09 14.80
CA GLU E 81 32.53 7.70 15.26
C GLU E 81 32.15 6.69 14.18
N ASP E 82 32.10 7.12 12.91
CA ASP E 82 31.56 6.28 11.85
C ASP E 82 32.62 5.83 10.84
N PHE E 83 33.89 5.96 11.16
CA PHE E 83 34.97 5.48 10.29
C PHE E 83 35.45 4.12 10.79
N ALA E 84 35.12 3.09 10.04
CA ALA E 84 35.36 1.70 10.41
C ALA E 84 35.27 0.85 9.14
N VAL E 85 35.18 -0.47 9.31
CA VAL E 85 35.09 -1.39 8.17
C VAL E 85 33.64 -1.83 8.02
N TYR E 86 33.19 -1.98 6.77
CA TYR E 86 31.82 -2.33 6.46
C TYR E 86 31.78 -3.57 5.59
N PHE E 87 30.99 -4.56 5.99
CA PHE E 87 30.92 -5.84 5.31
C PHE E 87 29.50 -6.11 4.82
N CYS E 88 29.40 -6.85 3.72
CA CYS E 88 28.12 -7.32 3.19
C CYS E 88 28.13 -8.84 3.11
N GLN E 89 27.02 -9.45 3.52
CA GLN E 89 26.88 -10.90 3.62
C GLN E 89 25.57 -11.34 2.98
N GLN E 90 25.57 -12.54 2.41
CA GLN E 90 24.39 -13.15 1.83
C GLN E 90 23.99 -14.39 2.62
N TYR E 91 22.68 -14.68 2.60
CA TYR E 91 22.15 -15.85 3.28
C TYR E 91 21.09 -16.54 2.43
N ASN E 92 21.36 -16.68 1.13
CA ASN E 92 20.45 -17.37 0.23
C ASN E 92 20.84 -18.83 0.09
N ASP E 93 22.06 -19.10 -0.37
CA ASP E 93 22.57 -20.44 -0.53
C ASP E 93 23.87 -20.61 0.24
N TRP E 94 24.06 -21.81 0.79
CA TRP E 94 25.21 -22.10 1.64
C TRP E 94 26.26 -22.79 0.78
N PRO E 95 27.49 -22.26 0.67
CA PRO E 95 28.19 -21.33 1.57
C PRO E 95 27.72 -19.88 1.57
N ARG E 96 27.68 -19.32 2.78
CA ARG E 96 27.31 -17.93 2.99
C ARG E 96 28.59 -17.10 2.97
N THR E 97 28.78 -16.35 1.89
CA THR E 97 30.04 -15.65 1.64
C THR E 97 29.99 -14.23 2.19
N PHE E 98 31.15 -13.78 2.68
CA PHE E 98 31.33 -12.44 3.20
C PHE E 98 32.07 -11.59 2.17
N GLY E 99 32.28 -10.32 2.51
CA GLY E 99 33.07 -9.43 1.69
C GLY E 99 34.41 -9.10 2.32
N GLN E 100 35.39 -8.73 1.50
CA GLN E 100 36.71 -8.42 2.02
C GLN E 100 36.67 -7.20 2.93
N GLY E 101 35.93 -6.16 2.55
CA GLY E 101 35.77 -5.01 3.41
C GLY E 101 36.21 -3.69 2.80
N THR E 102 35.67 -2.59 3.32
CA THR E 102 35.99 -1.25 2.85
C THR E 102 36.30 -0.37 4.06
N LYS E 103 37.38 0.40 3.97
CA LYS E 103 37.87 1.21 5.08
C LYS E 103 37.60 2.69 4.81
N VAL E 104 37.14 3.40 5.82
CA VAL E 104 36.89 4.84 5.76
C VAL E 104 37.92 5.54 6.62
N GLU E 105 38.66 6.47 6.03
CA GLU E 105 39.70 7.21 6.73
C GLU E 105 39.36 8.70 6.77
N ILE E 106 40.25 9.49 7.34
CA ILE E 106 40.08 10.93 7.50
C ILE E 106 41.01 11.64 6.54
N LYS E 107 40.46 12.55 5.74
CA LYS E 107 41.27 13.33 4.81
C LYS E 107 41.87 14.53 5.51
N ARG E 108 43.09 14.87 5.14
CA ARG E 108 43.79 16.01 5.72
C ARG E 108 44.88 16.45 4.75
N THR E 109 45.59 17.51 5.13
CA THR E 109 46.66 18.05 4.30
C THR E 109 47.88 17.13 4.33
N VAL E 110 48.54 17.02 3.17
CA VAL E 110 49.73 16.18 3.07
C VAL E 110 50.83 16.72 3.97
N ALA E 111 51.46 15.81 4.72
CA ALA E 111 52.53 16.18 5.65
C ALA E 111 53.76 15.34 5.36
N ALA E 112 54.91 16.01 5.24
CA ALA E 112 56.16 15.30 5.06
C ALA E 112 56.53 14.52 6.32
N PRO E 113 57.20 13.38 6.19
CA PRO E 113 57.51 12.55 7.35
C PRO E 113 58.79 12.98 8.06
N SER E 114 58.95 12.46 9.27
CA SER E 114 60.20 12.61 10.03
C SER E 114 60.90 11.25 10.07
N VAL E 115 62.16 11.23 9.63
CA VAL E 115 62.90 9.99 9.40
C VAL E 115 64.04 9.91 10.41
N PHE E 116 64.17 8.76 11.05
CA PHE E 116 65.27 8.48 11.96
C PHE E 116 65.85 7.10 11.65
N ILE E 117 67.12 6.91 11.97
CA ILE E 117 67.80 5.64 11.77
C ILE E 117 68.59 5.32 13.03
N PHE E 118 68.43 4.10 13.55
CA PHE E 118 69.05 3.69 14.80
C PHE E 118 69.92 2.45 14.58
N PRO E 119 71.21 2.54 14.92
CA PRO E 119 72.11 1.39 14.81
C PRO E 119 71.92 0.45 16.00
N PRO E 120 72.51 -0.75 15.95
CA PRO E 120 72.35 -1.68 17.07
C PRO E 120 73.36 -1.42 18.18
N SER E 121 72.88 -1.51 19.42
CA SER E 121 73.73 -1.32 20.57
C SER E 121 74.68 -2.51 20.74
N ASP E 122 75.53 -2.43 21.77
CA ASP E 122 76.54 -3.46 21.97
C ASP E 122 75.92 -4.76 22.51
N GLU E 123 74.88 -4.64 23.35
CA GLU E 123 74.32 -5.83 23.99
C GLU E 123 73.78 -6.81 22.95
N GLN E 124 73.14 -6.30 21.91
CA GLN E 124 72.70 -7.19 20.82
C GLN E 124 73.89 -7.84 20.14
N LEU E 125 75.01 -7.12 20.02
CA LEU E 125 76.20 -7.70 19.39
C LEU E 125 76.74 -8.86 20.23
N LYS E 126 76.83 -8.69 21.54
CA LYS E 126 77.33 -9.76 22.39
C LYS E 126 76.36 -10.93 22.46
N SER E 127 75.06 -10.64 22.57
CA SER E 127 74.08 -11.71 22.75
C SER E 127 73.91 -12.54 21.48
N GLY E 128 74.20 -11.99 20.32
CA GLY E 128 74.02 -12.72 19.08
C GLY E 128 73.73 -11.83 17.89
N THR E 129 72.61 -12.12 17.20
CA THR E 129 72.26 -11.38 16.00
C THR E 129 72.00 -9.92 16.30
N ALA E 130 72.27 -9.07 15.32
CA ALA E 130 72.10 -7.63 15.45
C ALA E 130 70.89 -7.17 14.63
N SER E 131 70.27 -6.08 15.09
CA SER E 131 69.11 -5.50 14.43
C SER E 131 69.30 -4.00 14.28
N VAL E 132 69.05 -3.50 13.06
CA VAL E 132 69.10 -2.06 12.78
C VAL E 132 67.69 -1.61 12.42
N VAL E 133 67.35 -0.37 12.77
CA VAL E 133 65.96 0.06 12.63
C VAL E 133 65.87 1.40 11.94
N CYS E 134 64.82 1.56 11.13
CA CYS E 134 64.48 2.81 10.47
C CYS E 134 63.07 3.19 10.89
N LEU E 135 62.87 4.46 11.22
CA LEU E 135 61.61 4.93 11.79
C LEU E 135 61.08 6.11 10.98
N LEU E 136 59.80 6.05 10.62
CA LEU E 136 59.10 7.14 9.96
C LEU E 136 57.94 7.57 10.84
N ASN E 137 57.88 8.86 11.15
CA ASN E 137 56.90 9.38 12.10
C ASN E 137 56.12 10.54 11.50
N ASN E 138 54.82 10.57 11.82
CA ASN E 138 53.94 11.72 11.59
C ASN E 138 53.89 12.11 10.10
N PHE E 139 53.31 11.20 9.32
CA PHE E 139 53.16 11.42 7.88
C PHE E 139 51.78 11.01 7.43
N TYR E 140 51.37 11.57 6.27
CA TYR E 140 50.09 11.31 5.63
C TYR E 140 50.25 11.57 4.14
N PRO E 141 49.72 10.71 3.26
CA PRO E 141 48.95 9.49 3.52
C PRO E 141 49.82 8.27 3.83
N ARG E 142 49.27 7.07 3.68
CA ARG E 142 49.96 5.87 4.14
C ARG E 142 51.09 5.45 3.20
N GLU E 143 50.92 5.65 1.89
CA GLU E 143 51.86 5.09 0.92
C GLU E 143 53.25 5.70 1.09
N ALA E 144 54.22 4.84 1.37
CA ALA E 144 55.62 5.25 1.52
C ALA E 144 56.48 4.00 1.49
N LYS E 145 57.58 4.06 0.74
CA LYS E 145 58.45 2.91 0.53
C LYS E 145 59.76 3.11 1.28
N VAL E 146 60.19 2.09 2.01
CA VAL E 146 61.42 2.11 2.78
C VAL E 146 62.31 0.98 2.29
N GLN E 147 63.55 1.30 1.96
CA GLN E 147 64.51 0.33 1.45
C GLN E 147 65.81 0.41 2.23
N TRP E 148 66.50 -0.72 2.29
CA TRP E 148 67.79 -0.83 2.95
C TRP E 148 68.89 -0.98 1.90
N LYS E 149 69.93 -0.18 2.00
CA LYS E 149 71.05 -0.23 1.05
C LYS E 149 72.30 -0.65 1.81
N VAL E 150 72.50 -1.96 1.94
CA VAL E 150 73.70 -2.45 2.61
C VAL E 150 74.90 -2.17 1.72
N ASP E 151 76.00 -1.75 2.35
CA ASP E 151 77.20 -1.33 1.64
C ASP E 151 76.84 -0.29 0.59
N ASN E 152 76.72 -0.72 -0.66
CA ASN E 152 76.28 0.16 -1.74
C ASN E 152 75.34 -0.58 -2.68
N ALA E 153 74.43 -1.37 -2.11
CA ALA E 153 73.52 -2.17 -2.93
C ALA E 153 72.22 -2.38 -2.19
N LEU E 154 71.14 -2.55 -2.97
CA LEU E 154 69.80 -2.76 -2.41
C LEU E 154 69.70 -4.08 -1.68
N GLN E 155 69.37 -4.04 -0.39
CA GLN E 155 69.15 -5.25 0.38
C GLN E 155 67.68 -5.61 0.39
N SER E 156 67.38 -6.90 0.30
CA SER E 156 65.99 -7.35 0.23
C SER E 156 65.87 -8.73 0.87
N GLY E 157 64.64 -9.05 1.27
CA GLY E 157 64.32 -10.34 1.84
C GLY E 157 64.58 -10.48 3.32
N ASN E 158 65.00 -9.40 4.00
CA ASN E 158 65.32 -9.47 5.42
C ASN E 158 64.81 -8.26 6.19
N SER E 159 63.68 -7.71 5.77
CA SER E 159 63.11 -6.51 6.39
C SER E 159 61.69 -6.79 6.85
N GLN E 160 61.34 -6.32 8.04
CA GLN E 160 59.99 -6.44 8.58
C GLN E 160 59.44 -5.06 8.89
N GLU E 161 58.21 -4.79 8.45
CA GLU E 161 57.62 -3.47 8.56
C GLU E 161 56.31 -3.53 9.33
N SER E 162 56.09 -2.53 10.18
CA SER E 162 54.85 -2.40 10.94
C SER E 162 54.33 -0.96 10.86
N VAL E 163 53.00 -0.84 10.87
CA VAL E 163 52.32 0.44 10.72
C VAL E 163 51.21 0.54 11.75
N THR E 164 50.99 1.74 12.28
CA THR E 164 49.99 1.98 13.31
C THR E 164 48.69 2.49 12.68
N GLU E 165 47.76 2.92 13.53
CA GLU E 165 46.44 3.37 13.10
C GLU E 165 46.45 4.87 12.84
N GLN E 166 45.27 5.44 12.58
CA GLN E 166 45.13 6.88 12.43
C GLN E 166 45.47 7.59 13.73
N ASP E 167 46.17 8.71 13.63
CA ASP E 167 46.44 9.52 14.80
C ASP E 167 45.16 10.20 15.26
N SER E 168 44.88 10.13 16.56
CA SER E 168 43.61 10.61 17.09
C SER E 168 43.49 12.13 17.02
N LYS E 169 44.57 12.85 16.80
CA LYS E 169 44.56 14.31 16.80
C LYS E 169 44.85 14.93 15.45
N ASP E 170 45.82 14.39 14.70
CA ASP E 170 46.21 14.99 13.43
C ASP E 170 46.20 13.99 12.28
N SER E 171 45.70 12.77 12.50
CA SER E 171 45.54 11.76 11.45
C SER E 171 46.87 11.39 10.78
N THR E 172 47.99 11.63 11.45
CA THR E 172 49.28 11.25 10.89
C THR E 172 49.57 9.78 11.16
N TYR E 173 50.56 9.24 10.45
CA TYR E 173 50.90 7.83 10.49
C TYR E 173 52.33 7.64 10.95
N SER E 174 52.66 6.39 11.31
CA SER E 174 54.00 6.04 11.73
C SER E 174 54.29 4.61 11.31
N LEU E 175 55.51 4.35 10.83
CA LEU E 175 55.91 3.01 10.44
C LEU E 175 57.33 2.74 10.94
N SER E 176 57.60 1.46 11.19
CA SER E 176 58.90 1.01 11.63
C SER E 176 59.37 -0.12 10.73
N SER E 177 60.65 -0.08 10.34
CA SER E 177 61.25 -1.11 9.49
C SER E 177 62.50 -1.64 10.18
N THR E 178 62.54 -2.94 10.41
CA THR E 178 63.65 -3.59 11.09
C THR E 178 64.39 -4.51 10.12
N LEU E 179 65.71 -4.41 10.11
CA LEU E 179 66.57 -5.30 9.32
C LEU E 179 67.48 -6.05 10.28
N THR E 180 67.48 -7.37 10.15
CA THR E 180 68.22 -8.25 11.06
C THR E 180 69.35 -8.95 10.33
N LEU E 181 70.49 -9.07 11.00
CA LEU E 181 71.63 -9.78 10.44
C LEU E 181 72.36 -10.51 11.56
N SER E 182 73.31 -11.35 11.18
CA SER E 182 74.14 -12.03 12.17
C SER E 182 75.33 -11.15 12.55
N LYS E 183 76.01 -11.53 13.63
CA LYS E 183 77.12 -10.74 14.13
C LYS E 183 78.24 -10.65 13.09
N ALA E 184 78.61 -11.79 12.50
CA ALA E 184 79.62 -11.78 11.44
C ALA E 184 79.12 -11.01 10.22
N ASP E 185 77.85 -11.22 9.85
CA ASP E 185 77.30 -10.49 8.71
C ASP E 185 77.24 -8.99 8.98
N TYR E 186 76.94 -8.60 10.22
CA TYR E 186 76.98 -7.18 10.56
C TYR E 186 78.40 -6.64 10.47
N GLU E 187 79.38 -7.42 10.96
CA GLU E 187 80.76 -6.96 10.97
C GLU E 187 81.39 -6.94 9.59
N LYS E 188 80.83 -7.68 8.62
CA LYS E 188 81.48 -7.82 7.32
C LYS E 188 81.37 -6.58 6.47
N HIS E 189 80.33 -5.77 6.63
CA HIS E 189 80.08 -4.61 5.78
C HIS E 189 80.41 -3.33 6.51
N LYS E 190 80.58 -2.25 5.73
CA LYS E 190 81.07 -0.99 6.29
C LYS E 190 79.94 -0.02 6.63
N VAL E 191 79.13 0.36 5.64
CA VAL E 191 78.19 1.47 5.77
C VAL E 191 76.77 0.94 5.60
N TYR E 192 75.86 1.41 6.45
CA TYR E 192 74.45 1.04 6.39
C TYR E 192 73.61 2.29 6.13
N ALA E 193 72.68 2.18 5.18
CA ALA E 193 71.89 3.33 4.76
C ALA E 193 70.43 2.94 4.57
N CYS E 194 69.55 3.90 4.88
CA CYS E 194 68.10 3.76 4.77
C CYS E 194 67.59 4.76 3.76
N GLU E 195 66.76 4.30 2.82
CA GLU E 195 66.21 5.14 1.77
C GLU E 195 64.69 5.19 1.92
N VAL E 196 64.13 6.39 1.88
CA VAL E 196 62.69 6.60 2.03
C VAL E 196 62.17 7.34 0.81
N THR E 197 61.13 6.79 0.18
CA THR E 197 60.48 7.41 -0.95
C THR E 197 59.01 7.64 -0.59
N HIS E 198 58.56 8.89 -0.68
CA HIS E 198 57.20 9.24 -0.31
C HIS E 198 56.63 10.20 -1.33
N GLN E 199 55.30 10.18 -1.45
CA GLN E 199 54.63 11.07 -2.39
C GLN E 199 54.84 12.54 -2.02
N GLY E 200 54.73 12.86 -0.73
CA GLY E 200 54.85 14.25 -0.30
C GLY E 200 56.23 14.84 -0.54
N LEU E 201 57.27 14.08 -0.23
CA LEU E 201 58.63 14.56 -0.41
C LEU E 201 58.96 14.75 -1.89
N SER E 202 59.77 15.76 -2.17
CA SER E 202 60.16 16.04 -3.55
C SER E 202 60.99 14.90 -4.14
N SER E 203 61.94 14.38 -3.38
CA SER E 203 62.81 13.30 -3.82
C SER E 203 63.03 12.36 -2.65
N PRO E 204 63.37 11.10 -2.94
CA PRO E 204 63.69 10.17 -1.85
C PRO E 204 64.86 10.67 -1.02
N VAL E 205 64.80 10.41 0.28
CA VAL E 205 65.80 10.88 1.23
C VAL E 205 66.54 9.69 1.81
N THR E 206 67.86 9.80 1.89
CA THR E 206 68.73 8.72 2.36
C THR E 206 69.48 9.16 3.60
N LYS E 207 69.49 8.29 4.61
CA LYS E 207 70.27 8.51 5.83
C LYS E 207 71.25 7.36 5.99
N SER E 208 72.54 7.69 6.15
CA SER E 208 73.59 6.68 6.17
C SER E 208 74.44 6.85 7.41
N PHE E 209 75.00 5.74 7.88
CA PHE E 209 75.93 5.75 9.00
C PHE E 209 76.95 4.64 8.82
N ASN E 210 78.04 4.74 9.57
CA ASN E 210 79.12 3.77 9.54
C ASN E 210 79.32 3.17 10.92
N ARG E 211 79.91 1.97 10.94
CA ARG E 211 80.15 1.28 12.21
C ARG E 211 81.13 2.07 13.08
N GLY E 212 80.89 2.05 14.39
CA GLY E 212 81.70 2.81 15.32
C GLY E 212 81.26 4.24 15.54
N GLU E 213 80.15 4.66 14.95
CA GLU E 213 79.63 6.00 15.11
C GLU E 213 78.54 6.03 16.16
N CYS E 214 78.60 7.02 17.04
CA CYS E 214 77.61 7.16 18.11
C CYS E 214 76.25 7.53 17.54
#